data_3NDA
#
_entry.id   3NDA
#
_cell.length_a   84.575
_cell.length_b   84.575
_cell.length_c   124.412
_cell.angle_alpha   90.00
_cell.angle_beta   90.00
_cell.angle_gamma   90.00
#
_symmetry.space_group_name_H-M   'P 43'
#
loop_
_entity.id
_entity.type
_entity.pdbx_description
1 polymer Serpin-2
2 non-polymer 'PENTAETHYLENE GLYCOL'
3 water water
#
_entity_poly.entity_id   1
_entity_poly.type   'polypeptide(L)'
_entity_poly.pdbx_seq_one_letter_code
;MQEEAKLTKANNRFGLRLLRALPSGPEKNVFFSPYSVSTAMGMAFAGARGQTQQELSQGLGFSDVDLTDAGVLDAYTHHT
ERLKSTPSNSTLDVANAAAIQRTLALLNSYESALQSSFGAELHKVDFAGEPQAAVDFVNNWVKRKTHDKIEKLFNEPLDP
DTLLVLLNAIYFKGEWNTAFVKEHTEKRQFFNGGVTPVEVDTMRLEARIKYRFFDDLQVEVVELPYRGLDYTMAILLPKE
NTGVEGLKQNLTIDRFQNYLSDLRERKITVLLPKFKLETKYSLKAPLQSLGIKQIFESGADLSGINDGSLRVSAVEHKAV
VEVNEEGTVAAATTGVVIVPYSLGPEPVVFRVDHPFLFFIRNTRTDDIFFVGQVNKL
;
_entity_poly.pdbx_strand_id   A,B
#
# COMPACT_ATOMS: atom_id res chain seq x y z
N MET A 1 -32.92 -15.83 6.95
CA MET A 1 -31.56 -15.23 7.20
C MET A 1 -31.42 -13.90 6.47
N GLN A 2 -30.46 -13.10 6.92
CA GLN A 2 -30.22 -11.78 6.37
C GLN A 2 -29.75 -11.84 4.93
N GLU A 3 -30.03 -10.79 4.17
CA GLU A 3 -29.53 -10.68 2.79
C GLU A 3 -28.01 -10.87 2.71
N GLU A 4 -27.26 -10.24 3.62
CA GLU A 4 -25.80 -10.40 3.62
C GLU A 4 -25.37 -11.86 3.88
N ALA A 5 -26.16 -12.57 4.69
CA ALA A 5 -25.90 -13.99 4.94
C ALA A 5 -26.20 -14.85 3.69
N LYS A 6 -27.29 -14.53 2.97
CA LYS A 6 -27.59 -15.21 1.69
C LYS A 6 -26.44 -15.01 0.72
N LEU A 7 -25.96 -13.77 0.64
CA LEU A 7 -24.88 -13.45 -0.27
C LEU A 7 -23.62 -14.27 0.06
N THR A 8 -23.29 -14.37 1.35
CA THR A 8 -22.14 -15.18 1.77
C THR A 8 -22.30 -16.65 1.29
N LYS A 9 -23.50 -17.21 1.49
CA LYS A 9 -23.81 -18.56 1.02
C LYS A 9 -23.68 -18.72 -0.50
N ALA A 10 -24.19 -17.76 -1.25
CA ALA A 10 -24.05 -17.81 -2.71
C ALA A 10 -22.57 -17.72 -3.11
N ASN A 11 -21.86 -16.76 -2.51
CA ASN A 11 -20.44 -16.56 -2.81
C ASN A 11 -19.64 -17.84 -2.51
N ASN A 12 -19.96 -18.49 -1.39
CA ASN A 12 -19.19 -19.65 -0.99
C ASN A 12 -19.44 -20.82 -1.96
N ARG A 13 -20.70 -21.00 -2.38
CA ARG A 13 -21.05 -22.11 -3.27
C ARG A 13 -20.39 -21.91 -4.63
N PHE A 14 -20.49 -20.68 -5.15
CA PHE A 14 -19.85 -20.27 -6.39
C PHE A 14 -18.34 -20.47 -6.30
N GLY A 15 -17.77 -20.09 -5.15
CA GLY A 15 -16.35 -20.25 -4.88
C GLY A 15 -15.85 -21.68 -5.08
N LEU A 16 -16.57 -22.65 -4.52
CA LEU A 16 -16.15 -24.05 -4.68
C LEU A 16 -16.43 -24.53 -6.11
N ARG A 17 -17.49 -24.02 -6.72
CA ARG A 17 -17.79 -24.40 -8.09
C ARG A 17 -16.66 -23.92 -9.02
N LEU A 18 -16.25 -22.67 -8.82
CA LEU A 18 -15.15 -22.13 -9.58
C LEU A 18 -13.86 -22.89 -9.31
N LEU A 19 -13.58 -23.17 -8.02
CA LEU A 19 -12.42 -23.97 -7.66
C LEU A 19 -12.31 -25.23 -8.51
N ARG A 20 -13.44 -25.92 -8.66
CA ARG A 20 -13.46 -27.18 -9.40
C ARG A 20 -13.16 -26.99 -10.89
N ALA A 21 -13.46 -25.80 -11.42
CA ALA A 21 -13.28 -25.50 -12.85
C ALA A 21 -11.91 -24.89 -13.22
N LEU A 22 -11.15 -24.44 -12.24
CA LEU A 22 -9.85 -23.83 -12.51
C LEU A 22 -8.82 -24.87 -12.99
N PRO A 23 -7.88 -24.46 -13.85
CA PRO A 23 -6.81 -25.36 -14.29
C PRO A 23 -5.96 -25.84 -13.11
N SER A 24 -5.69 -27.14 -13.09
CA SER A 24 -4.95 -27.78 -12.00
C SER A 24 -4.16 -28.94 -12.56
N GLY A 25 -3.09 -29.33 -11.87
CA GLY A 25 -2.28 -30.45 -12.30
C GLY A 25 -1.18 -30.71 -11.31
N PRO A 26 -0.48 -31.85 -11.46
CA PRO A 26 0.57 -32.19 -10.51
C PRO A 26 1.69 -31.14 -10.45
N GLU A 27 1.84 -30.36 -11.52
CA GLU A 27 2.88 -29.32 -11.62
C GLU A 27 2.30 -27.91 -11.60
N LYS A 28 1.02 -27.80 -11.31
CA LYS A 28 0.32 -26.53 -11.42
C LYS A 28 -0.53 -26.26 -10.17
N ASN A 29 -0.07 -25.34 -9.33
CA ASN A 29 -0.85 -24.95 -8.15
C ASN A 29 -2.07 -24.14 -8.52
N VAL A 30 -3.05 -24.12 -7.62
CA VAL A 30 -4.25 -23.31 -7.76
C VAL A 30 -4.30 -22.32 -6.61
N PHE A 31 -4.56 -21.05 -6.93
CA PHE A 31 -4.82 -20.05 -5.89
C PHE A 31 -5.67 -18.90 -6.43
N PHE A 32 -6.72 -18.54 -5.71
CA PHE A 32 -7.57 -17.43 -6.16
C PHE A 32 -8.39 -16.87 -5.01
N SER A 33 -8.98 -15.69 -5.23
CA SER A 33 -9.94 -15.14 -4.28
C SER A 33 -11.32 -15.24 -4.86
N PRO A 34 -12.13 -16.19 -4.35
CA PRO A 34 -13.49 -16.25 -4.85
C PRO A 34 -14.27 -14.98 -4.48
N TYR A 35 -13.94 -14.37 -3.33
CA TYR A 35 -14.65 -13.17 -2.88
C TYR A 35 -14.38 -12.01 -3.85
N SER A 36 -13.13 -11.88 -4.27
CA SER A 36 -12.75 -10.90 -5.30
C SER A 36 -13.55 -11.11 -6.59
N VAL A 37 -13.53 -12.33 -7.11
CA VAL A 37 -14.27 -12.70 -8.33
C VAL A 37 -15.80 -12.42 -8.20
N SER A 38 -16.41 -12.89 -7.12
CA SER A 38 -17.81 -12.61 -6.84
C SER A 38 -18.11 -11.12 -6.79
N THR A 39 -17.28 -10.35 -6.06
CA THR A 39 -17.51 -8.90 -5.94
C THR A 39 -17.46 -8.17 -7.30
N ALA A 40 -16.43 -8.48 -8.10
CA ALA A 40 -16.28 -7.88 -9.43
C ALA A 40 -17.46 -8.31 -10.33
N MET A 41 -17.84 -9.58 -10.28
CA MET A 41 -19.02 -10.02 -11.05
C MET A 41 -20.32 -9.38 -10.54
N GLY A 42 -20.41 -9.09 -9.24
CA GLY A 42 -21.54 -8.34 -8.68
C GLY A 42 -21.70 -6.95 -9.29
N MET A 43 -20.58 -6.29 -9.54
CA MET A 43 -20.59 -4.97 -10.15
C MET A 43 -21.14 -4.98 -11.58
N ALA A 44 -20.83 -6.05 -12.30
CA ALA A 44 -21.36 -6.27 -13.65
C ALA A 44 -22.84 -6.62 -13.57
N PHE A 45 -23.18 -7.48 -12.61
CA PHE A 45 -24.57 -7.86 -12.38
C PHE A 45 -25.47 -6.64 -12.18
N ALA A 46 -24.96 -5.63 -11.49
CA ALA A 46 -25.71 -4.40 -11.19
C ALA A 46 -26.22 -3.75 -12.46
N GLY A 47 -25.56 -4.00 -13.58
CA GLY A 47 -25.91 -3.37 -14.86
C GLY A 47 -26.58 -4.30 -15.86
N ALA A 48 -26.64 -5.58 -15.51
CA ALA A 48 -27.24 -6.62 -16.34
C ALA A 48 -28.78 -6.60 -16.27
N ARG A 49 -29.42 -6.94 -17.39
CA ARG A 49 -30.88 -7.01 -17.46
CA ARG A 49 -30.88 -7.00 -17.50
C ARG A 49 -31.32 -8.26 -18.25
N GLY A 50 -32.62 -8.52 -18.29
CA GLY A 50 -33.17 -9.65 -19.05
C GLY A 50 -32.59 -11.01 -18.71
N GLN A 51 -32.47 -11.85 -19.74
CA GLN A 51 -31.96 -13.21 -19.58
C GLN A 51 -30.50 -13.24 -19.09
N THR A 52 -29.72 -12.23 -19.52
CA THR A 52 -28.33 -12.09 -19.09
C THR A 52 -28.22 -11.97 -17.56
N GLN A 53 -29.17 -11.21 -16.98
CA GLN A 53 -29.21 -11.00 -15.54
C GLN A 53 -29.62 -12.29 -14.83
N GLN A 54 -30.64 -12.96 -15.37
CA GLN A 54 -31.17 -14.20 -14.80
C GLN A 54 -30.14 -15.32 -14.81
N GLU A 55 -29.34 -15.38 -15.87
CA GLU A 55 -28.27 -16.37 -16.00
C GLU A 55 -27.14 -16.12 -15.01
N LEU A 56 -26.79 -14.84 -14.80
CA LEU A 56 -25.83 -14.44 -13.77
C LEU A 56 -26.32 -14.71 -12.36
N SER A 57 -27.60 -14.45 -12.10
CA SER A 57 -28.21 -14.71 -10.80
C SER A 57 -28.05 -16.19 -10.49
N GLN A 58 -28.30 -17.00 -11.51
CA GLN A 58 -28.14 -18.43 -11.40
C GLN A 58 -26.69 -18.80 -11.14
N GLY A 59 -25.78 -18.31 -12.00
CA GLY A 59 -24.37 -18.69 -11.97
C GLY A 59 -23.61 -18.24 -10.74
N LEU A 60 -23.87 -17.02 -10.28
CA LEU A 60 -23.19 -16.47 -9.12
C LEU A 60 -23.75 -17.01 -7.80
N GLY A 61 -24.81 -17.82 -7.90
CA GLY A 61 -25.40 -18.52 -6.78
C GLY A 61 -26.59 -17.85 -6.10
N PHE A 62 -26.98 -16.66 -6.58
CA PHE A 62 -28.05 -15.88 -5.93
C PHE A 62 -29.40 -16.60 -5.92
N SER A 63 -29.77 -17.17 -7.07
CA SER A 63 -31.06 -17.82 -7.21
C SER A 63 -31.27 -18.93 -6.20
N ASP A 64 -30.24 -19.75 -6.00
CA ASP A 64 -30.35 -20.91 -5.10
C ASP A 64 -30.51 -20.55 -3.62
N VAL A 65 -30.16 -19.31 -3.28
CA VAL A 65 -30.29 -18.85 -1.89
C VAL A 65 -31.45 -17.85 -1.73
N ASP A 66 -32.27 -17.75 -2.77
CA ASP A 66 -33.44 -16.85 -2.80
CA ASP A 66 -33.43 -16.84 -2.82
C ASP A 66 -33.03 -15.40 -2.56
N LEU A 67 -31.88 -15.01 -3.13
CA LEU A 67 -31.44 -13.65 -3.05
C LEU A 67 -31.91 -12.99 -4.33
N THR A 68 -32.86 -12.06 -4.18
CA THR A 68 -33.43 -11.37 -5.34
CA THR A 68 -33.45 -11.33 -5.31
C THR A 68 -32.45 -10.35 -5.90
N ASP A 69 -32.68 -9.94 -7.16
CA ASP A 69 -31.82 -8.99 -7.84
C ASP A 69 -31.62 -7.72 -7.01
N ALA A 70 -32.69 -7.17 -6.46
CA ALA A 70 -32.59 -6.03 -5.57
C ALA A 70 -31.83 -6.38 -4.29
N GLY A 71 -32.08 -7.56 -3.74
CA GLY A 71 -31.42 -8.04 -2.52
C GLY A 71 -29.91 -8.12 -2.65
N VAL A 72 -29.43 -8.48 -3.84
CA VAL A 72 -27.98 -8.51 -4.12
C VAL A 72 -27.30 -7.17 -3.83
N LEU A 73 -27.90 -6.08 -4.32
CA LEU A 73 -27.34 -4.75 -4.15
C LEU A 73 -27.41 -4.34 -2.68
N ASP A 74 -28.51 -4.69 -2.02
CA ASP A 74 -28.61 -4.47 -0.58
C ASP A 74 -27.51 -5.22 0.16
N ALA A 75 -27.39 -6.51 -0.16
CA ALA A 75 -26.44 -7.37 0.52
C ALA A 75 -25.04 -6.82 0.36
N TYR A 76 -24.69 -6.43 -0.87
CA TYR A 76 -23.37 -5.85 -1.11
C TYR A 76 -23.10 -4.57 -0.32
N THR A 77 -24.11 -3.72 -0.17
CA THR A 77 -23.96 -2.52 0.67
C THR A 77 -23.52 -2.91 2.08
N HIS A 78 -24.18 -3.91 2.67
CA HIS A 78 -23.83 -4.35 4.02
C HIS A 78 -22.47 -5.01 4.13
N HIS A 79 -22.09 -5.80 3.13
CA HIS A 79 -20.72 -6.36 3.08
C HIS A 79 -19.69 -5.23 3.04
N THR A 80 -19.89 -4.27 2.14
CA THR A 80 -18.96 -3.14 1.97
C THR A 80 -18.82 -2.36 3.28
N GLU A 81 -19.95 -2.12 3.94
CA GLU A 81 -19.92 -1.33 5.17
C GLU A 81 -19.27 -2.08 6.33
N ARG A 82 -19.61 -3.36 6.49
CA ARG A 82 -19.05 -4.14 7.60
C ARG A 82 -17.54 -4.37 7.39
N LEU A 83 -17.12 -4.51 6.13
CA LEU A 83 -15.69 -4.62 5.80
C LEU A 83 -14.86 -3.42 6.30
N LYS A 84 -15.46 -2.23 6.28
CA LYS A 84 -14.78 -1.03 6.75
C LYS A 84 -14.67 -0.96 8.27
N SER A 85 -15.73 -1.39 8.96
CA SER A 85 -15.86 -1.07 10.39
C SER A 85 -15.47 -2.21 11.32
N THR A 86 -15.24 -3.39 10.75
CA THR A 86 -14.98 -4.59 11.55
C THR A 86 -13.68 -4.52 12.36
N PRO A 87 -13.78 -4.65 13.71
CA PRO A 87 -12.58 -4.70 14.54
C PRO A 87 -11.94 -6.07 14.46
N SER A 88 -10.63 -6.11 14.16
CA SER A 88 -9.88 -7.36 14.05
C SER A 88 -8.40 -7.16 14.33
N ASN A 89 -7.74 -8.22 14.78
CA ASN A 89 -6.28 -8.26 14.83
C ASN A 89 -5.72 -8.38 13.40
N SER A 90 -6.53 -8.94 12.49
CA SER A 90 -6.07 -9.17 11.12
C SER A 90 -6.50 -8.02 10.21
N THR A 91 -5.75 -7.83 9.12
CA THR A 91 -6.08 -6.80 8.16
C THR A 91 -6.79 -7.44 6.99
N LEU A 92 -7.92 -6.88 6.61
CA LEU A 92 -8.57 -7.27 5.38
CA LEU A 92 -8.60 -7.29 5.40
C LEU A 92 -9.15 -6.04 4.72
N ASP A 93 -8.57 -5.68 3.59
CA ASP A 93 -8.93 -4.49 2.81
CA ASP A 93 -9.01 -4.51 2.87
C ASP A 93 -9.55 -4.94 1.51
N VAL A 94 -10.74 -4.45 1.20
CA VAL A 94 -11.36 -4.74 -0.09
C VAL A 94 -11.67 -3.42 -0.78
N ALA A 95 -11.27 -3.29 -2.05
CA ALA A 95 -11.48 -2.08 -2.81
C ALA A 95 -12.09 -2.37 -4.17
N ASN A 96 -12.95 -1.48 -4.63
CA ASN A 96 -13.60 -1.59 -5.94
C ASN A 96 -13.53 -0.26 -6.66
N ALA A 97 -13.48 -0.33 -7.99
CA ALA A 97 -13.50 0.87 -8.86
C ALA A 97 -13.90 0.49 -10.28
N ALA A 98 -14.18 1.50 -11.11
CA ALA A 98 -14.44 1.26 -12.53
C ALA A 98 -13.63 2.23 -13.38
N ALA A 99 -12.85 1.68 -14.32
CA ALA A 99 -12.12 2.47 -15.32
C ALA A 99 -13.02 2.61 -16.53
N ILE A 100 -13.39 3.85 -16.88
CA ILE A 100 -14.37 4.08 -17.94
CA ILE A 100 -14.40 4.13 -17.91
C ILE A 100 -13.81 4.93 -19.07
N GLN A 101 -14.14 4.55 -20.30
CA GLN A 101 -13.78 5.36 -21.47
C GLN A 101 -14.26 6.78 -21.22
N ARG A 102 -13.43 7.77 -21.58
CA ARG A 102 -13.64 9.16 -21.16
C ARG A 102 -14.97 9.74 -21.63
N THR A 103 -15.43 9.26 -22.78
CA THR A 103 -16.64 9.80 -23.43
C THR A 103 -17.85 8.88 -23.26
N LEU A 104 -17.72 7.83 -22.44
CA LEU A 104 -18.84 6.93 -22.15
C LEU A 104 -19.82 7.53 -21.13
N ALA A 105 -21.09 7.61 -21.52
CA ALA A 105 -22.14 8.06 -20.60
C ALA A 105 -22.72 6.86 -19.85
N LEU A 106 -22.56 6.82 -18.54
CA LEU A 106 -23.22 5.79 -17.72
C LEU A 106 -24.59 6.27 -17.26
N LEU A 107 -25.54 5.33 -17.15
CA LEU A 107 -26.82 5.63 -16.53
C LEU A 107 -26.53 6.07 -15.11
N ASN A 108 -27.19 7.15 -14.66
CA ASN A 108 -27.03 7.66 -13.30
C ASN A 108 -27.27 6.55 -12.28
N SER A 109 -28.24 5.70 -12.56
CA SER A 109 -28.60 4.61 -11.65
C SER A 109 -27.43 3.64 -11.44
N TYR A 110 -26.68 3.37 -12.50
CA TYR A 110 -25.54 2.46 -12.43
C TYR A 110 -24.39 3.08 -11.62
N GLU A 111 -24.08 4.33 -11.92
CA GLU A 111 -23.06 5.06 -11.17
C GLU A 111 -23.37 5.07 -9.68
N SER A 112 -24.64 5.33 -9.35
CA SER A 112 -25.10 5.37 -7.97
CA SER A 112 -25.09 5.36 -7.96
C SER A 112 -24.96 3.99 -7.31
N ALA A 113 -25.34 2.93 -8.03
CA ALA A 113 -25.24 1.56 -7.52
C ALA A 113 -23.80 1.14 -7.24
N LEU A 114 -22.88 1.51 -8.12
CA LEU A 114 -21.47 1.23 -7.92
C LEU A 114 -20.95 1.86 -6.64
N GLN A 115 -21.36 3.08 -6.39
CA GLN A 115 -20.98 3.80 -5.17
C GLN A 115 -21.63 3.23 -3.91
N SER A 116 -22.95 3.07 -3.94
CA SER A 116 -23.72 2.66 -2.75
CA SER A 116 -23.70 2.67 -2.74
C SER A 116 -23.52 1.20 -2.37
N SER A 117 -23.51 0.32 -3.37
CA SER A 117 -23.36 -1.11 -3.10
C SER A 117 -21.90 -1.56 -2.94
N PHE A 118 -20.97 -0.88 -3.63
CA PHE A 118 -19.57 -1.35 -3.74
C PHE A 118 -18.51 -0.36 -3.32
N GLY A 119 -18.93 0.88 -3.06
CA GLY A 119 -17.99 1.94 -2.78
C GLY A 119 -17.01 2.14 -3.93
N ALA A 120 -17.46 1.89 -5.16
CA ALA A 120 -16.61 1.97 -6.36
C ALA A 120 -16.51 3.37 -6.96
N GLU A 121 -15.28 3.88 -6.95
CA GLU A 121 -14.87 5.12 -7.61
CA GLU A 121 -15.04 5.16 -7.61
C GLU A 121 -14.97 4.94 -9.12
N LEU A 122 -15.23 6.01 -9.86
CA LEU A 122 -15.16 5.96 -11.31
C LEU A 122 -13.91 6.71 -11.73
N HIS A 123 -13.20 6.20 -12.74
CA HIS A 123 -11.99 6.83 -13.26
C HIS A 123 -12.03 6.82 -14.77
N LYS A 124 -12.04 8.01 -15.39
CA LYS A 124 -12.07 8.11 -16.85
C LYS A 124 -10.67 7.89 -17.41
N VAL A 125 -10.62 7.08 -18.47
CA VAL A 125 -9.37 6.80 -19.19
C VAL A 125 -9.64 6.80 -20.69
N ASP A 126 -8.56 6.88 -21.49
CA ASP A 126 -8.71 6.81 -22.93
C ASP A 126 -8.37 5.42 -23.48
N PHE A 127 -9.31 4.49 -23.31
CA PHE A 127 -9.14 3.15 -23.88
C PHE A 127 -8.91 3.23 -25.40
N ALA A 128 -9.71 4.07 -26.06
CA ALA A 128 -9.71 4.19 -27.53
C ALA A 128 -8.45 4.84 -28.11
N GLY A 129 -8.05 5.97 -27.54
CA GLY A 129 -6.93 6.76 -28.09
C GLY A 129 -5.58 6.53 -27.41
N GLU A 130 -5.61 6.09 -26.15
CA GLU A 130 -4.37 5.90 -25.36
C GLU A 130 -4.32 4.52 -24.68
N PRO A 131 -4.31 3.44 -25.47
CA PRO A 131 -4.40 2.14 -24.81
C PRO A 131 -3.34 1.92 -23.74
N GLN A 132 -2.13 2.43 -23.97
CA GLN A 132 -1.04 2.16 -23.02
C GLN A 132 -1.29 2.89 -21.70
N ALA A 133 -1.64 4.16 -21.81
CA ALA A 133 -1.92 5.00 -20.64
C ALA A 133 -3.11 4.46 -19.82
N ALA A 134 -4.15 3.97 -20.51
CA ALA A 134 -5.32 3.41 -19.87
C ALA A 134 -4.97 2.14 -19.07
N VAL A 135 -4.21 1.23 -19.68
CA VAL A 135 -3.85 -0.01 -18.97
C VAL A 135 -2.84 0.26 -17.85
N ASP A 136 -1.96 1.23 -18.06
CA ASP A 136 -1.02 1.66 -17.01
C ASP A 136 -1.84 2.15 -15.84
N PHE A 137 -2.85 2.98 -16.12
CA PHE A 137 -3.71 3.44 -15.04
C PHE A 137 -4.37 2.30 -14.24
N VAL A 138 -4.99 1.36 -14.97
CA VAL A 138 -5.66 0.22 -14.37
C VAL A 138 -4.68 -0.59 -13.52
N ASN A 139 -3.48 -0.84 -14.04
CA ASN A 139 -2.51 -1.67 -13.31
C ASN A 139 -1.96 -0.97 -12.07
N ASN A 140 -1.86 0.33 -12.15
CA ASN A 140 -1.39 1.10 -11.01
C ASN A 140 -2.45 1.17 -9.91
N TRP A 141 -3.72 1.06 -10.30
CA TRP A 141 -4.82 0.97 -9.34
C TRP A 141 -4.68 -0.36 -8.61
N VAL A 142 -4.52 -1.44 -9.38
CA VAL A 142 -4.39 -2.81 -8.86
C VAL A 142 -3.21 -2.83 -7.87
N LYS A 143 -2.08 -2.28 -8.28
CA LYS A 143 -0.87 -2.23 -7.43
C LYS A 143 -1.07 -1.52 -6.09
N ARG A 144 -1.75 -0.38 -6.08
CA ARG A 144 -1.99 0.36 -4.85
CA ARG A 144 -2.00 0.38 -4.85
C ARG A 144 -2.93 -0.41 -3.93
N LYS A 145 -4.01 -0.93 -4.49
CA LYS A 145 -5.03 -1.60 -3.69
C LYS A 145 -4.63 -2.98 -3.17
N THR A 146 -3.71 -3.64 -3.85
CA THR A 146 -3.19 -4.92 -3.36
C THR A 146 -1.93 -4.68 -2.52
N HIS A 147 -1.72 -3.44 -2.08
CA HIS A 147 -0.55 -3.08 -1.25
C HIS A 147 0.78 -3.46 -1.93
N ASP A 148 0.87 -3.27 -3.25
CA ASP A 148 2.04 -3.57 -4.09
C ASP A 148 2.33 -5.06 -4.33
N LYS A 149 1.40 -5.93 -3.94
CA LYS A 149 1.59 -7.37 -4.05
C LYS A 149 1.37 -7.87 -5.45
N ILE A 150 0.51 -7.16 -6.20
CA ILE A 150 0.24 -7.50 -7.59
C ILE A 150 0.50 -6.23 -8.44
N GLU A 151 1.55 -6.28 -9.24
CA GLU A 151 1.97 -5.09 -10.00
C GLU A 151 1.11 -4.81 -11.22
N LYS A 152 0.62 -5.86 -11.87
CA LYS A 152 -0.12 -5.71 -13.10
C LYS A 152 -1.15 -6.79 -13.14
N LEU A 153 -2.36 -6.43 -13.52
CA LEU A 153 -3.36 -7.42 -13.85
C LEU A 153 -3.25 -7.76 -15.34
N PHE A 154 -3.06 -6.72 -16.16
CA PHE A 154 -3.05 -6.90 -17.60
C PHE A 154 -1.66 -6.65 -18.13
N ASN A 155 -1.02 -7.69 -18.67
CA ASN A 155 0.35 -7.55 -19.18
C ASN A 155 0.48 -6.81 -20.52
N GLU A 156 -0.64 -6.63 -21.22
CA GLU A 156 -0.64 -5.90 -22.49
C GLU A 156 -1.83 -4.94 -22.52
N PRO A 157 -1.76 -3.87 -23.35
CA PRO A 157 -2.88 -2.94 -23.39
C PRO A 157 -4.17 -3.66 -23.79
N LEU A 158 -5.30 -3.11 -23.39
CA LEU A 158 -6.58 -3.70 -23.76
C LEU A 158 -6.91 -3.27 -25.19
N ASP A 159 -7.70 -4.10 -25.87
CA ASP A 159 -8.23 -3.76 -27.19
C ASP A 159 -8.91 -2.40 -27.12
N PRO A 160 -8.65 -1.54 -28.13
CA PRO A 160 -9.15 -0.15 -28.12
C PRO A 160 -10.67 0.00 -28.16
N ASP A 161 -11.41 -1.10 -28.32
CA ASP A 161 -12.86 -1.02 -28.30
C ASP A 161 -13.41 -1.15 -26.88
N THR A 162 -12.49 -1.39 -25.93
CA THR A 162 -12.86 -1.48 -24.51
C THR A 162 -13.52 -0.16 -24.08
N LEU A 163 -14.61 -0.27 -23.31
CA LEU A 163 -15.34 0.90 -22.82
C LEU A 163 -15.37 0.99 -21.30
N LEU A 164 -15.22 -0.15 -20.64
CA LEU A 164 -15.31 -0.26 -19.17
C LEU A 164 -14.48 -1.44 -18.67
N VAL A 165 -13.75 -1.20 -17.58
CA VAL A 165 -13.19 -2.30 -16.79
C VAL A 165 -13.62 -2.15 -15.33
N LEU A 166 -14.40 -3.12 -14.84
CA LEU A 166 -14.79 -3.17 -13.42
C LEU A 166 -13.70 -3.90 -12.64
N LEU A 167 -13.22 -3.28 -11.58
CA LEU A 167 -12.10 -3.81 -10.81
C LEU A 167 -12.40 -4.04 -9.34
N ASN A 168 -11.92 -5.18 -8.84
CA ASN A 168 -11.88 -5.44 -7.41
C ASN A 168 -10.45 -5.76 -6.96
N ALA A 169 -10.08 -5.31 -5.77
CA ALA A 169 -8.83 -5.76 -5.13
C ALA A 169 -9.08 -6.18 -3.69
N ILE A 170 -8.29 -7.15 -3.24
CA ILE A 170 -8.38 -7.60 -1.85
C ILE A 170 -6.99 -7.82 -1.27
N TYR A 171 -6.79 -7.42 -0.03
CA TYR A 171 -5.52 -7.66 0.66
C TYR A 171 -5.80 -8.19 2.07
N PHE A 172 -5.05 -9.23 2.47
CA PHE A 172 -5.19 -9.85 3.79
C PHE A 172 -3.83 -10.01 4.45
N LYS A 173 -3.75 -9.65 5.72
CA LYS A 173 -2.58 -10.00 6.53
C LYS A 173 -3.02 -10.46 7.90
N GLY A 174 -2.60 -11.67 8.26
CA GLY A 174 -2.86 -12.16 9.61
C GLY A 174 -1.63 -12.78 10.23
N GLU A 175 -1.57 -12.74 11.56
CA GLU A 175 -0.55 -13.44 12.32
CA GLU A 175 -0.55 -13.48 12.29
C GLU A 175 -1.22 -14.64 12.99
N TRP A 176 -0.53 -15.78 12.99
CA TRP A 176 -1.08 -16.97 13.60
C TRP A 176 -1.34 -16.74 15.09
N ASN A 177 -2.44 -17.28 15.60
CA ASN A 177 -2.70 -17.34 17.03
C ASN A 177 -1.56 -18.12 17.74
N THR A 178 -1.17 -19.24 17.14
CA THR A 178 0.00 -20.00 17.57
C THR A 178 0.99 -19.97 16.43
N ALA A 179 2.05 -19.18 16.58
CA ALA A 179 3.11 -19.12 15.58
C ALA A 179 3.80 -20.49 15.43
N PHE A 180 4.27 -20.79 14.22
CA PHE A 180 5.17 -21.92 14.08
C PHE A 180 6.51 -21.53 14.73
N VAL A 181 7.20 -22.53 15.26
CA VAL A 181 8.47 -22.29 15.97
C VAL A 181 9.59 -22.28 14.94
N LYS A 182 10.13 -21.09 14.70
CA LYS A 182 11.06 -20.96 13.58
C LYS A 182 12.31 -21.84 13.74
N GLU A 183 12.78 -22.00 14.98
CA GLU A 183 13.93 -22.89 15.29
C GLU A 183 13.73 -24.33 14.81
N HIS A 184 12.46 -24.73 14.64
CA HIS A 184 12.11 -26.10 14.27
C HIS A 184 11.82 -26.28 12.78
N THR A 185 11.88 -25.19 12.01
CA THR A 185 11.71 -25.31 10.57
C THR A 185 12.93 -26.01 9.98
N GLU A 186 12.68 -27.03 9.16
CA GLU A 186 13.73 -27.81 8.51
C GLU A 186 13.23 -28.30 7.17
N LYS A 187 14.16 -28.67 6.29
CA LYS A 187 13.80 -29.34 5.05
C LYS A 187 13.20 -30.70 5.41
N ARG A 188 11.99 -30.93 4.92
CA ARG A 188 11.31 -32.20 5.10
C ARG A 188 10.69 -32.62 3.77
N GLN A 189 10.41 -33.91 3.67
CA GLN A 189 9.84 -34.52 2.49
C GLN A 189 8.46 -33.96 2.14
N PHE A 190 8.23 -33.70 0.85
CA PHE A 190 6.89 -33.37 0.34
C PHE A 190 6.72 -34.07 -0.99
N PHE A 191 5.56 -34.69 -1.19
CA PHE A 191 5.29 -35.41 -2.44
C PHE A 191 4.68 -34.49 -3.47
N ASN A 192 5.51 -33.94 -4.35
CA ASN A 192 5.01 -33.07 -5.40
C ASN A 192 4.10 -33.89 -6.31
N GLY A 193 2.95 -33.33 -6.65
CA GLY A 193 1.96 -34.04 -7.48
C GLY A 193 1.44 -35.30 -6.80
N GLY A 194 1.69 -35.42 -5.49
CA GLY A 194 1.35 -36.61 -4.72
C GLY A 194 2.30 -37.79 -4.94
N VAL A 195 3.28 -37.63 -5.84
CA VAL A 195 4.11 -38.76 -6.25
C VAL A 195 5.62 -38.52 -6.25
N THR A 196 6.08 -37.28 -6.36
CA THR A 196 7.50 -37.00 -6.56
C THR A 196 8.13 -36.41 -5.30
N PRO A 197 8.84 -37.23 -4.49
CA PRO A 197 9.42 -36.70 -3.25
C PRO A 197 10.50 -35.65 -3.45
N VAL A 198 10.28 -34.47 -2.85
CA VAL A 198 11.26 -33.40 -2.84
C VAL A 198 11.42 -32.96 -1.39
N GLU A 199 12.48 -32.22 -1.08
CA GLU A 199 12.67 -31.65 0.25
CA GLU A 199 12.65 -31.66 0.26
C GLU A 199 12.33 -30.17 0.23
N VAL A 200 11.49 -29.74 1.17
CA VAL A 200 11.05 -28.35 1.19
CA VAL A 200 11.03 -28.35 1.21
C VAL A 200 11.04 -27.85 2.65
N ASP A 201 11.24 -26.54 2.85
CA ASP A 201 11.19 -25.96 4.20
C ASP A 201 9.82 -26.25 4.80
N THR A 202 9.82 -26.92 5.96
CA THR A 202 8.58 -27.39 6.58
C THR A 202 8.50 -26.93 8.04
N MET A 203 7.41 -26.26 8.39
CA MET A 203 7.24 -25.64 9.68
C MET A 203 6.61 -26.60 10.66
N ARG A 204 6.85 -26.37 11.95
CA ARG A 204 6.31 -27.26 12.98
C ARG A 204 5.74 -26.49 14.17
N LEU A 205 4.55 -26.88 14.58
CA LEU A 205 4.01 -26.44 15.89
C LEU A 205 3.30 -27.59 16.55
N GLU A 206 3.18 -27.53 17.86
CA GLU A 206 2.34 -28.49 18.58
CA GLU A 206 2.35 -28.48 18.59
C GLU A 206 1.50 -27.68 19.55
N ALA A 207 0.20 -27.78 19.37
CA ALA A 207 -0.74 -27.00 20.18
C ALA A 207 -2.13 -27.59 20.06
N ARG A 208 -3.03 -27.08 20.89
CA ARG A 208 -4.43 -27.42 20.78
C ARG A 208 -4.99 -26.69 19.55
N ILE A 209 -5.41 -27.49 18.58
CA ILE A 209 -5.85 -27.02 17.26
CA ILE A 209 -5.81 -27.05 17.23
C ILE A 209 -7.13 -27.74 16.88
N LYS A 210 -8.08 -26.99 16.32
CA LYS A 210 -9.35 -27.59 15.88
C LYS A 210 -9.05 -28.65 14.81
N TYR A 211 -9.50 -29.89 15.04
CA TYR A 211 -9.06 -31.04 14.25
C TYR A 211 -10.15 -32.10 14.16
N ARG A 212 -10.26 -32.74 13.00
CA ARG A 212 -11.06 -33.96 12.88
C ARG A 212 -10.65 -34.75 11.64
N PHE A 213 -10.64 -36.07 11.76
CA PHE A 213 -10.59 -36.95 10.58
C PHE A 213 -12.02 -37.38 10.21
N PHE A 214 -12.33 -37.25 8.93
CA PHE A 214 -13.64 -37.62 8.41
C PHE A 214 -13.53 -38.82 7.49
N ASP A 215 -14.15 -39.93 7.88
CA ASP A 215 -14.10 -41.14 7.08
C ASP A 215 -14.87 -41.02 5.76
N ASP A 216 -15.84 -40.12 5.68
CA ASP A 216 -16.69 -40.12 4.48
C ASP A 216 -15.90 -39.87 3.18
N LEU A 217 -14.98 -38.90 3.23
CA LEU A 217 -14.11 -38.64 2.09
C LEU A 217 -12.63 -38.93 2.43
N GLN A 218 -12.39 -39.51 3.63
CA GLN A 218 -11.06 -39.83 4.13
CA GLN A 218 -11.03 -39.82 4.11
C GLN A 218 -10.18 -38.57 4.09
N VAL A 219 -10.51 -37.62 4.94
CA VAL A 219 -9.81 -36.32 4.92
C VAL A 219 -9.63 -35.84 6.33
N GLU A 220 -8.41 -35.38 6.65
CA GLU A 220 -8.14 -34.71 7.94
C GLU A 220 -8.34 -33.25 7.72
N VAL A 221 -8.98 -32.60 8.68
CA VAL A 221 -9.25 -31.18 8.59
C VAL A 221 -8.72 -30.49 9.83
N VAL A 222 -8.02 -29.36 9.65
CA VAL A 222 -7.71 -28.45 10.77
C VAL A 222 -8.13 -27.03 10.43
N GLU A 223 -8.26 -26.20 11.46
CA GLU A 223 -8.24 -24.76 11.25
C GLU A 223 -7.12 -24.18 12.05
N LEU A 224 -6.26 -23.42 11.37
CA LEU A 224 -5.21 -22.66 12.03
C LEU A 224 -5.69 -21.22 12.11
N PRO A 225 -6.06 -20.76 13.30
CA PRO A 225 -6.62 -19.42 13.42
C PRO A 225 -5.58 -18.32 13.43
N TYR A 226 -5.97 -17.14 12.98
CA TYR A 226 -5.14 -15.96 13.19
C TYR A 226 -5.49 -15.35 14.56
N ARG A 227 -4.74 -14.33 14.97
N ARG A 227 -4.74 -14.33 14.97
CA ARG A 227 -4.94 -13.73 16.29
CA ARG A 227 -4.94 -13.71 16.28
C ARG A 227 -6.38 -13.24 16.46
C ARG A 227 -6.40 -13.24 16.46
N GLY A 228 -6.98 -13.57 17.61
CA GLY A 228 -8.38 -13.19 17.91
C GLY A 228 -9.39 -14.22 17.42
N LEU A 229 -8.91 -15.17 16.60
CA LEU A 229 -9.67 -16.34 16.11
C LEU A 229 -10.85 -16.06 15.15
N ASP A 230 -10.96 -14.82 14.70
CA ASP A 230 -12.03 -14.42 13.76
C ASP A 230 -11.70 -14.71 12.29
N TYR A 231 -10.42 -14.87 11.98
CA TYR A 231 -9.99 -15.45 10.69
C TYR A 231 -9.23 -16.71 10.93
N THR A 232 -9.30 -17.62 9.96
CA THR A 232 -8.63 -18.91 10.05
CA THR A 232 -8.60 -18.88 10.06
C THR A 232 -8.18 -19.37 8.68
N MET A 233 -7.18 -20.24 8.65
CA MET A 233 -6.89 -21.04 7.48
C MET A 233 -7.36 -22.48 7.74
N ALA A 234 -8.42 -22.91 7.03
CA ALA A 234 -8.85 -24.30 7.09
C ALA A 234 -8.02 -25.09 6.07
N ILE A 235 -7.46 -26.21 6.52
CA ILE A 235 -6.63 -27.06 5.66
C ILE A 235 -7.28 -28.44 5.57
N LEU A 236 -7.45 -28.91 4.34
CA LEU A 236 -8.05 -30.22 4.06
C LEU A 236 -6.98 -31.11 3.44
N LEU A 237 -6.61 -32.14 4.19
CA LEU A 237 -5.51 -33.01 3.85
C LEU A 237 -6.04 -34.39 3.55
N PRO A 238 -6.01 -34.78 2.26
CA PRO A 238 -6.44 -36.12 1.86
C PRO A 238 -5.66 -37.21 2.57
N LYS A 239 -6.32 -38.31 2.91
CA LYS A 239 -5.60 -39.44 3.48
C LYS A 239 -4.49 -39.93 2.55
N GLU A 240 -4.85 -40.15 1.28
CA GLU A 240 -3.90 -40.68 0.31
C GLU A 240 -3.04 -39.56 -0.30
N ASN A 241 -1.78 -39.88 -0.61
CA ASN A 241 -0.85 -38.90 -1.17
C ASN A 241 -1.42 -38.23 -2.43
N THR A 242 -2.13 -39.01 -3.25
CA THR A 242 -2.69 -38.52 -4.52
C THR A 242 -4.18 -38.16 -4.41
N GLY A 243 -4.68 -37.96 -3.19
CA GLY A 243 -6.12 -37.74 -2.98
C GLY A 243 -6.74 -36.38 -3.29
N VAL A 244 -5.91 -35.37 -3.56
CA VAL A 244 -6.43 -34.00 -3.59
C VAL A 244 -7.46 -33.71 -4.69
N GLU A 245 -7.23 -34.21 -5.90
CA GLU A 245 -8.13 -33.88 -7.01
C GLU A 245 -9.51 -34.44 -6.72
N GLY A 246 -9.55 -35.69 -6.26
CA GLY A 246 -10.80 -36.35 -5.89
C GLY A 246 -11.50 -35.63 -4.76
N LEU A 247 -10.72 -35.16 -3.78
CA LEU A 247 -11.27 -34.39 -2.66
C LEU A 247 -11.98 -33.13 -3.17
N LYS A 248 -11.26 -32.35 -3.97
CA LYS A 248 -11.82 -31.15 -4.58
C LYS A 248 -13.11 -31.44 -5.34
N GLN A 249 -13.12 -32.52 -6.12
CA GLN A 249 -14.31 -32.83 -6.89
C GLN A 249 -15.50 -33.26 -6.02
N ASN A 250 -15.21 -33.87 -4.87
CA ASN A 250 -16.25 -34.39 -4.00
C ASN A 250 -16.82 -33.36 -3.05
N LEU A 251 -16.08 -32.29 -2.82
CA LEU A 251 -16.46 -31.32 -1.80
C LEU A 251 -17.70 -30.54 -2.27
N THR A 252 -18.58 -30.23 -1.32
CA THR A 252 -19.73 -29.37 -1.54
C THR A 252 -19.66 -28.34 -0.42
N ILE A 253 -20.35 -27.22 -0.56
CA ILE A 253 -20.32 -26.22 0.51
C ILE A 253 -20.95 -26.74 1.81
N ASP A 254 -22.03 -27.52 1.71
CA ASP A 254 -22.64 -28.07 2.93
C ASP A 254 -21.68 -29.03 3.65
N ARG A 255 -20.98 -29.87 2.89
CA ARG A 255 -20.00 -30.80 3.48
C ARG A 255 -18.87 -30.03 4.14
N PHE A 256 -18.41 -28.98 3.46
CA PHE A 256 -17.37 -28.11 3.99
C PHE A 256 -17.80 -27.46 5.33
N GLN A 257 -18.97 -26.84 5.35
CA GLN A 257 -19.43 -26.19 6.59
C GLN A 257 -19.69 -27.21 7.70
N ASN A 258 -20.20 -28.38 7.32
CA ASN A 258 -20.39 -29.45 8.30
C ASN A 258 -19.09 -29.96 8.89
N TYR A 259 -18.05 -30.05 8.07
CA TYR A 259 -16.70 -30.38 8.55
C TYR A 259 -16.28 -29.37 9.59
N LEU A 260 -16.46 -28.09 9.27
CA LEU A 260 -16.05 -27.03 10.19
C LEU A 260 -16.75 -27.15 11.53
N SER A 261 -18.05 -27.45 11.49
CA SER A 261 -18.86 -27.57 12.70
C SER A 261 -18.43 -28.72 13.61
N ASP A 262 -17.80 -29.73 13.02
CA ASP A 262 -17.44 -30.96 13.72
C ASP A 262 -16.02 -30.97 14.25
N LEU A 263 -15.25 -29.93 13.95
CA LEU A 263 -13.88 -29.89 14.46
C LEU A 263 -13.91 -29.68 15.96
N ARG A 264 -12.92 -30.27 16.64
CA ARG A 264 -12.75 -29.97 18.06
C ARG A 264 -11.27 -29.75 18.37
N GLU A 265 -10.98 -28.81 19.26
CA GLU A 265 -9.61 -28.56 19.69
C GLU A 265 -9.00 -29.84 20.24
N ARG A 266 -7.81 -30.15 19.77
CA ARG A 266 -7.08 -31.35 20.21
C ARG A 266 -5.58 -31.02 20.18
N LYS A 267 -4.79 -31.54 21.13
CA LYS A 267 -3.34 -31.35 21.06
C LYS A 267 -2.86 -32.16 19.87
N ILE A 268 -2.30 -31.50 18.85
CA ILE A 268 -1.75 -32.18 17.69
C ILE A 268 -0.45 -31.50 17.27
N THR A 269 0.37 -32.24 16.54
CA THR A 269 1.53 -31.66 15.90
C THR A 269 1.13 -31.33 14.45
N VAL A 270 1.42 -30.11 14.01
CA VAL A 270 1.20 -29.72 12.63
C VAL A 270 2.54 -29.54 11.92
N LEU A 271 2.73 -30.27 10.84
CA LEU A 271 3.89 -30.06 9.96
C LEU A 271 3.44 -29.52 8.61
N LEU A 272 3.71 -28.23 8.36
CA LEU A 272 3.17 -27.48 7.21
C LEU A 272 4.29 -26.79 6.44
N PRO A 273 4.40 -27.04 5.12
CA PRO A 273 5.41 -26.33 4.34
C PRO A 273 5.22 -24.81 4.38
N LYS A 274 6.33 -24.07 4.46
CA LYS A 274 6.30 -22.65 4.10
C LYS A 274 6.05 -22.63 2.61
N PHE A 275 5.31 -21.65 2.12
CA PHE A 275 5.12 -21.57 0.68
C PHE A 275 4.62 -20.24 0.19
N LYS A 276 4.96 -19.95 -1.06
CA LYS A 276 4.39 -18.81 -1.78
C LYS A 276 3.77 -19.32 -3.07
N LEU A 277 2.62 -18.78 -3.41
CA LEU A 277 1.96 -19.05 -4.71
C LEU A 277 1.69 -17.74 -5.45
N GLU A 278 1.80 -17.80 -6.77
CA GLU A 278 1.49 -16.66 -7.63
C GLU A 278 0.78 -17.21 -8.85
N THR A 279 -0.47 -16.79 -9.05
CA THR A 279 -1.30 -17.38 -10.10
C THR A 279 -1.98 -16.29 -10.92
N LYS A 280 -2.43 -16.68 -12.12
CA LYS A 280 -3.17 -15.78 -13.01
C LYS A 280 -4.10 -16.59 -13.90
N TYR A 281 -5.30 -16.05 -14.14
CA TYR A 281 -6.34 -16.76 -14.87
C TYR A 281 -7.12 -15.83 -15.78
N SER A 282 -7.38 -16.31 -16.99
CA SER A 282 -8.47 -15.79 -17.80
C SER A 282 -9.70 -16.62 -17.44
N LEU A 283 -10.69 -15.96 -16.83
CA LEU A 283 -11.82 -16.64 -16.23
C LEU A 283 -13.01 -16.86 -17.17
N LYS A 284 -12.96 -16.31 -18.38
CA LYS A 284 -14.07 -16.45 -19.35
C LYS A 284 -14.48 -17.91 -19.49
N ALA A 285 -13.55 -18.76 -19.94
CA ALA A 285 -13.82 -20.19 -20.15
C ALA A 285 -14.35 -20.94 -18.90
N PRO A 286 -13.66 -20.83 -17.75
CA PRO A 286 -14.21 -21.42 -16.52
C PRO A 286 -15.61 -20.90 -16.17
N LEU A 287 -15.85 -19.60 -16.37
CA LEU A 287 -17.16 -19.02 -16.10
C LEU A 287 -18.23 -19.57 -17.05
N GLN A 288 -17.89 -19.75 -18.33
CA GLN A 288 -18.78 -20.35 -19.31
C GLN A 288 -19.15 -21.79 -18.94
N SER A 289 -18.19 -22.51 -18.35
CA SER A 289 -18.39 -23.91 -17.98
C SER A 289 -19.33 -24.04 -16.80
N LEU A 290 -19.55 -22.91 -16.11
CA LEU A 290 -20.45 -22.81 -14.97
C LEU A 290 -21.82 -22.28 -15.43
N GLY A 291 -21.97 -22.13 -16.74
CA GLY A 291 -23.24 -21.67 -17.30
C GLY A 291 -23.39 -20.17 -17.46
N ILE A 292 -22.35 -19.41 -17.12
CA ILE A 292 -22.38 -17.97 -17.33
C ILE A 292 -21.89 -17.70 -18.74
N LYS A 293 -22.84 -17.56 -19.67
CA LYS A 293 -22.54 -17.53 -21.11
C LYS A 293 -22.98 -16.26 -21.83
N GLN A 294 -24.26 -15.90 -21.70
CA GLN A 294 -24.82 -14.79 -22.47
C GLN A 294 -24.03 -13.47 -22.34
N ILE A 295 -23.51 -13.21 -21.15
CA ILE A 295 -22.81 -11.94 -20.86
C ILE A 295 -21.57 -11.72 -21.73
N PHE A 296 -21.05 -12.81 -22.28
CA PHE A 296 -19.82 -12.79 -23.06
C PHE A 296 -20.09 -12.59 -24.54
N GLU A 297 -21.37 -12.60 -24.90
CA GLU A 297 -21.81 -12.74 -26.28
C GLU A 297 -22.57 -11.54 -26.81
N SER A 298 -22.47 -11.32 -28.11
CA SER A 298 -23.37 -10.40 -28.79
C SER A 298 -24.79 -10.80 -28.44
N GLY A 299 -25.63 -9.80 -28.16
CA GLY A 299 -26.98 -10.05 -27.67
C GLY A 299 -27.05 -9.96 -26.15
N ALA A 300 -25.90 -9.77 -25.51
CA ALA A 300 -25.84 -9.64 -24.06
C ALA A 300 -26.65 -8.43 -23.65
N ASP A 301 -27.29 -8.49 -22.49
CA ASP A 301 -28.06 -7.36 -22.04
C ASP A 301 -27.37 -6.74 -20.83
N LEU A 302 -26.50 -5.76 -21.12
CA LEU A 302 -25.91 -4.95 -20.06
C LEU A 302 -26.43 -3.49 -20.14
N SER A 303 -27.69 -3.34 -20.52
CA SER A 303 -28.27 -2.01 -20.77
C SER A 303 -28.51 -1.22 -19.49
N GLY A 304 -28.39 -1.88 -18.33
CA GLY A 304 -28.43 -1.18 -17.05
C GLY A 304 -27.20 -0.32 -16.82
N ILE A 305 -26.19 -0.48 -17.69
CA ILE A 305 -24.95 0.27 -17.58
C ILE A 305 -25.03 1.61 -18.34
N ASN A 306 -25.47 1.55 -19.60
CA ASN A 306 -25.49 2.75 -20.45
C ASN A 306 -26.66 2.81 -21.44
N ASP A 307 -27.65 1.95 -21.23
CA ASP A 307 -28.82 1.87 -22.13
C ASP A 307 -28.44 1.46 -23.56
N GLY A 308 -27.33 0.75 -23.72
CA GLY A 308 -26.83 0.37 -25.04
C GLY A 308 -26.49 -1.11 -25.16
N SER A 309 -25.72 -1.43 -26.19
CA SER A 309 -25.27 -2.81 -26.45
C SER A 309 -23.83 -3.03 -25.97
N LEU A 310 -23.68 -3.73 -24.85
CA LEU A 310 -22.37 -4.03 -24.25
C LEU A 310 -22.31 -5.49 -23.87
N ARG A 311 -21.10 -6.05 -23.95
CA ARG A 311 -20.86 -7.42 -23.50
C ARG A 311 -19.51 -7.50 -22.80
N VAL A 312 -19.29 -8.60 -22.05
CA VAL A 312 -18.00 -8.80 -21.39
C VAL A 312 -17.05 -9.54 -22.34
N SER A 313 -15.89 -8.95 -22.61
CA SER A 313 -14.89 -9.61 -23.45
C SER A 313 -13.96 -10.52 -22.66
N ALA A 314 -13.77 -10.22 -21.36
CA ALA A 314 -12.88 -11.01 -20.50
C ALA A 314 -13.09 -10.72 -19.01
N VAL A 315 -12.74 -11.70 -18.20
CA VAL A 315 -12.65 -11.53 -16.74
C VAL A 315 -11.28 -12.09 -16.39
N GLU A 316 -10.38 -11.23 -15.89
CA GLU A 316 -9.03 -11.65 -15.57
C GLU A 316 -8.81 -11.61 -14.07
N HIS A 317 -8.04 -12.56 -13.54
CA HIS A 317 -7.80 -12.67 -12.10
C HIS A 317 -6.33 -12.97 -11.87
N LYS A 318 -5.75 -12.34 -10.84
CA LYS A 318 -4.40 -12.67 -10.36
C LYS A 318 -4.45 -12.76 -8.86
N ALA A 319 -3.64 -13.66 -8.29
CA ALA A 319 -3.62 -13.83 -6.84
C ALA A 319 -2.24 -14.25 -6.36
N VAL A 320 -1.91 -13.90 -5.12
CA VAL A 320 -0.61 -14.22 -4.51
C VAL A 320 -0.82 -14.54 -3.03
N VAL A 321 -0.01 -15.43 -2.50
CA VAL A 321 -0.05 -15.74 -1.08
C VAL A 321 1.33 -16.12 -0.60
N GLU A 322 1.62 -15.72 0.63
CA GLU A 322 2.87 -16.09 1.31
CA GLU A 322 2.86 -16.12 1.29
C GLU A 322 2.51 -16.66 2.67
N VAL A 323 2.94 -17.89 2.94
CA VAL A 323 2.66 -18.55 4.20
C VAL A 323 3.99 -18.88 4.89
N ASN A 324 4.14 -18.43 6.13
CA ASN A 324 5.38 -18.64 6.87
C ASN A 324 5.10 -18.81 8.35
N GLU A 325 6.13 -18.79 9.18
CA GLU A 325 6.01 -19.15 10.59
C GLU A 325 5.21 -18.11 11.38
N GLU A 326 5.21 -16.87 10.90
CA GLU A 326 4.52 -15.79 11.61
C GLU A 326 3.07 -15.67 11.22
N GLY A 327 2.72 -16.02 9.98
CA GLY A 327 1.34 -15.90 9.53
C GLY A 327 1.17 -16.03 8.02
N THR A 328 0.35 -15.13 7.47
CA THR A 328 -0.02 -15.22 6.07
C THR A 328 -0.30 -13.83 5.51
N VAL A 329 0.17 -13.57 4.29
CA VAL A 329 -0.25 -12.41 3.51
C VAL A 329 -0.80 -12.91 2.19
N ALA A 330 -1.96 -12.41 1.80
CA ALA A 330 -2.55 -12.79 0.52
C ALA A 330 -3.18 -11.56 -0.15
N ALA A 331 -3.20 -11.56 -1.48
CA ALA A 331 -3.85 -10.48 -2.24
C ALA A 331 -4.37 -11.06 -3.54
N ALA A 332 -5.38 -10.39 -4.11
CA ALA A 332 -5.91 -10.81 -5.39
C ALA A 332 -6.61 -9.63 -6.02
N THR A 333 -6.85 -9.74 -7.32
CA THR A 333 -7.57 -8.72 -8.09
C THR A 333 -8.33 -9.36 -9.26
N THR A 334 -9.49 -8.79 -9.60
CA THR A 334 -10.27 -9.28 -10.74
C THR A 334 -10.68 -8.07 -11.58
N GLY A 335 -10.64 -8.21 -12.90
CA GLY A 335 -10.99 -7.14 -13.84
C GLY A 335 -11.97 -7.68 -14.87
N VAL A 336 -13.13 -7.05 -14.97
CA VAL A 336 -14.16 -7.46 -15.92
C VAL A 336 -14.14 -6.43 -17.06
N VAL A 337 -13.76 -6.89 -18.25
CA VAL A 337 -13.59 -5.98 -19.39
CA VAL A 337 -13.57 -6.02 -19.42
C VAL A 337 -14.81 -6.01 -20.30
N ILE A 338 -15.30 -4.81 -20.63
CA ILE A 338 -16.58 -4.63 -21.32
C ILE A 338 -16.39 -3.84 -22.63
N VAL A 339 -17.00 -4.35 -23.70
CA VAL A 339 -16.86 -3.79 -25.04
C VAL A 339 -18.25 -3.65 -25.69
N PRO A 340 -18.37 -2.79 -26.72
CA PRO A 340 -19.66 -2.71 -27.41
C PRO A 340 -19.82 -3.82 -28.46
N TYR A 341 -21.05 -4.05 -28.88
CA TYR A 341 -21.33 -4.95 -30.00
C TYR A 341 -22.37 -4.34 -30.92
N PRO A 345 -6.73 -39.20 24.53
CA PRO A 345 -6.55 -39.18 23.08
C PRO A 345 -5.10 -39.50 22.66
N GLU A 346 -4.96 -40.40 21.68
CA GLU A 346 -3.64 -40.77 21.15
C GLU A 346 -3.00 -39.61 20.39
N PRO A 347 -1.65 -39.56 20.34
CA PRO A 347 -0.94 -38.51 19.60
C PRO A 347 -1.37 -38.43 18.13
N VAL A 348 -1.56 -37.21 17.64
CA VAL A 348 -1.90 -36.97 16.25
C VAL A 348 -0.84 -36.08 15.61
N VAL A 349 -0.35 -36.51 14.44
CA VAL A 349 0.52 -35.68 13.65
C VAL A 349 -0.20 -35.39 12.34
N PHE A 350 -0.52 -34.12 12.14
CA PHE A 350 -1.15 -33.64 10.92
C PHE A 350 -0.02 -33.24 9.99
N ARG A 351 0.37 -34.18 9.13
CA ARG A 351 1.58 -34.07 8.32
C ARG A 351 1.24 -33.68 6.89
N VAL A 352 1.42 -32.40 6.59
CA VAL A 352 1.03 -31.88 5.29
C VAL A 352 2.22 -32.12 4.34
N ASP A 353 2.44 -33.37 3.99
CA ASP A 353 3.57 -33.75 3.15
C ASP A 353 3.13 -34.16 1.73
N HIS A 354 1.92 -33.79 1.36
CA HIS A 354 1.41 -34.08 0.02
C HIS A 354 0.31 -33.06 -0.32
N PRO A 355 -0.12 -33.02 -1.58
CA PRO A 355 -1.06 -31.98 -2.00
C PRO A 355 -2.34 -31.85 -1.15
N PHE A 356 -2.71 -30.59 -0.91
CA PHE A 356 -3.80 -30.27 -0.01
C PHE A 356 -4.60 -29.07 -0.50
N LEU A 357 -5.77 -28.85 0.12
CA LEU A 357 -6.56 -27.65 -0.12
C LEU A 357 -6.50 -26.77 1.13
N PHE A 358 -6.56 -25.46 0.94
CA PHE A 358 -6.73 -24.55 2.07
C PHE A 358 -7.66 -23.39 1.74
N PHE A 359 -8.24 -22.82 2.78
CA PHE A 359 -9.27 -21.77 2.67
C PHE A 359 -9.00 -20.76 3.76
N ILE A 360 -8.82 -19.49 3.38
CA ILE A 360 -8.70 -18.42 4.36
C ILE A 360 -10.12 -17.83 4.48
N ARG A 361 -10.68 -17.91 5.69
CA ARG A 361 -12.08 -17.55 5.92
CA ARG A 361 -12.08 -17.55 5.92
C ARG A 361 -12.28 -16.73 7.19
N ASN A 362 -13.40 -16.02 7.26
CA ASN A 362 -13.82 -15.34 8.48
C ASN A 362 -14.73 -16.29 9.27
N THR A 363 -14.43 -16.52 10.54
CA THR A 363 -15.19 -17.51 11.32
C THR A 363 -16.52 -16.99 11.86
N ARG A 364 -16.69 -15.67 11.85
CA ARG A 364 -17.91 -15.02 12.35
CA ARG A 364 -17.91 -15.04 12.35
C ARG A 364 -18.98 -14.93 11.26
N THR A 365 -18.53 -14.68 10.03
CA THR A 365 -19.42 -14.48 8.89
C THR A 365 -19.49 -15.66 7.90
N ASP A 366 -18.52 -16.56 7.97
CA ASP A 366 -18.34 -17.64 6.96
C ASP A 366 -17.79 -17.19 5.60
N ASP A 367 -17.50 -15.90 5.42
CA ASP A 367 -16.90 -15.43 4.16
C ASP A 367 -15.60 -16.17 3.87
N ILE A 368 -15.50 -16.72 2.67
CA ILE A 368 -14.26 -17.37 2.19
C ILE A 368 -13.54 -16.39 1.27
N PHE A 369 -12.36 -15.96 1.70
CA PHE A 369 -11.67 -14.91 0.94
C PHE A 369 -10.66 -15.47 -0.06
N PHE A 370 -9.96 -16.53 0.32
CA PHE A 370 -8.93 -17.15 -0.53
C PHE A 370 -9.03 -18.67 -0.45
N VAL A 371 -8.70 -19.32 -1.58
CA VAL A 371 -8.72 -20.80 -1.69
C VAL A 371 -7.51 -21.22 -2.52
N GLY A 372 -6.78 -22.22 -2.04
CA GLY A 372 -5.66 -22.76 -2.78
C GLY A 372 -5.63 -24.27 -2.79
N GLN A 373 -4.98 -24.81 -3.82
CA GLN A 373 -4.60 -26.21 -3.87
C GLN A 373 -3.11 -26.22 -4.13
N VAL A 374 -2.36 -26.81 -3.22
CA VAL A 374 -0.90 -26.83 -3.31
C VAL A 374 -0.49 -28.19 -3.85
N ASN A 375 -0.03 -28.21 -5.11
CA ASN A 375 0.41 -29.44 -5.78
C ASN A 375 1.92 -29.60 -5.89
N LYS A 376 2.62 -28.48 -6.00
CA LYS A 376 4.05 -28.51 -6.28
C LYS A 376 4.80 -27.44 -5.51
N LEU A 377 5.83 -27.85 -4.77
CA LEU A 377 6.65 -26.95 -3.95
C LEU A 377 8.14 -27.12 -4.24
N MET B 1 20.80 39.79 -1.26
CA MET B 1 20.87 39.20 0.11
C MET B 1 19.51 38.70 0.64
N GLN B 2 19.53 37.94 1.75
CA GLN B 2 18.35 37.30 2.35
C GLN B 2 17.65 36.28 1.45
N GLU B 3 18.41 35.78 0.49
CA GLU B 3 17.96 34.69 -0.35
C GLU B 3 17.51 33.48 0.49
N GLU B 4 18.14 33.27 1.65
CA GLU B 4 17.78 32.16 2.57
C GLU B 4 16.29 32.12 2.89
N ALA B 5 15.72 33.29 3.19
CA ALA B 5 14.29 33.39 3.54
C ALA B 5 13.40 33.03 2.34
N LYS B 6 13.77 33.52 1.16
CA LYS B 6 13.06 33.18 -0.08
C LYS B 6 13.12 31.67 -0.34
N LEU B 7 14.31 31.09 -0.16
CA LEU B 7 14.47 29.64 -0.34
C LEU B 7 13.61 28.84 0.62
N THR B 8 13.59 29.24 1.88
CA THR B 8 12.72 28.56 2.85
C THR B 8 11.27 28.58 2.39
N LYS B 9 10.79 29.75 1.96
CA LYS B 9 9.41 29.86 1.47
CA LYS B 9 9.43 29.88 1.45
C LYS B 9 9.17 28.95 0.26
N ALA B 10 10.08 28.96 -0.71
CA ALA B 10 9.96 28.06 -1.89
C ALA B 10 9.94 26.60 -1.47
N ASN B 11 10.89 26.21 -0.62
CA ASN B 11 11.00 24.83 -0.15
C ASN B 11 9.73 24.39 0.58
N ASN B 12 9.18 25.28 1.42
CA ASN B 12 7.99 24.94 2.20
C ASN B 12 6.78 24.71 1.28
N ARG B 13 6.65 25.58 0.28
CA ARG B 13 5.52 25.48 -0.67
C ARG B 13 5.67 24.24 -1.55
N PHE B 14 6.89 23.98 -2.01
CA PHE B 14 7.19 22.76 -2.73
C PHE B 14 6.85 21.55 -1.85
N GLY B 15 7.17 21.62 -0.56
CA GLY B 15 6.95 20.46 0.29
C GLY B 15 5.47 20.14 0.37
N LEU B 16 4.63 21.17 0.45
CA LEU B 16 3.19 20.99 0.49
CA LEU B 16 3.20 20.94 0.51
C LEU B 16 2.70 20.40 -0.83
N ARG B 17 3.22 20.92 -1.93
CA ARG B 17 2.82 20.43 -3.26
C ARG B 17 3.21 18.96 -3.40
N LEU B 18 4.40 18.62 -2.91
CA LEU B 18 4.86 17.25 -3.03
C LEU B 18 4.04 16.34 -2.12
N LEU B 19 3.68 16.82 -0.94
CA LEU B 19 2.76 16.08 -0.07
C LEU B 19 1.49 15.67 -0.81
N ARG B 20 0.88 16.63 -1.52
CA ARG B 20 -0.37 16.39 -2.25
C ARG B 20 -0.16 15.51 -3.48
N ALA B 21 1.10 15.41 -3.94
CA ALA B 21 1.46 14.60 -5.10
C ALA B 21 1.76 13.14 -4.76
N LEU B 22 2.09 12.87 -3.50
CA LEU B 22 2.44 11.50 -3.11
C LEU B 22 1.22 10.56 -3.00
N PRO B 23 1.41 9.27 -3.30
CA PRO B 23 0.29 8.32 -3.11
C PRO B 23 -0.10 8.31 -1.64
N SER B 24 -1.40 8.31 -1.33
CA SER B 24 -1.85 8.43 0.07
CA SER B 24 -1.85 8.46 0.06
C SER B 24 -3.15 7.72 0.44
N GLY B 25 -3.52 6.69 -0.30
CA GLY B 25 -4.75 5.96 0.10
C GLY B 25 -4.74 5.53 1.58
N PRO B 26 -5.93 5.23 2.17
CA PRO B 26 -6.08 4.84 3.59
C PRO B 26 -5.31 3.58 4.02
N GLU B 27 -4.79 2.84 3.04
CA GLU B 27 -4.00 1.62 3.27
C GLU B 27 -2.48 1.89 3.35
N LYS B 28 -2.12 3.17 3.40
CA LYS B 28 -0.72 3.57 3.29
C LYS B 28 -0.47 4.87 4.07
N ASN B 29 0.61 4.94 4.84
CA ASN B 29 1.04 6.20 5.46
C ASN B 29 1.92 6.99 4.51
N VAL B 30 1.99 8.30 4.73
CA VAL B 30 2.87 9.17 3.96
C VAL B 30 3.90 9.73 4.93
N PHE B 31 5.17 9.65 4.57
CA PHE B 31 6.23 10.28 5.37
C PHE B 31 7.44 10.61 4.51
N PHE B 32 7.92 11.85 4.59
CA PHE B 32 9.06 12.27 3.79
C PHE B 32 9.71 13.52 4.34
N SER B 33 10.90 13.80 3.84
CA SER B 33 11.57 15.06 4.11
C SER B 33 11.54 15.94 2.87
N PRO B 34 10.67 16.96 2.85
CA PRO B 34 10.69 17.82 1.65
C PRO B 34 12.03 18.55 1.52
N TYR B 35 12.64 18.87 2.67
CA TYR B 35 13.92 19.56 2.71
C TYR B 35 14.99 18.70 2.01
N SER B 36 15.03 17.41 2.32
CA SER B 36 15.97 16.48 1.63
C SER B 36 15.76 16.48 0.13
N VAL B 37 14.51 16.37 -0.28
CA VAL B 37 14.19 16.33 -1.72
C VAL B 37 14.60 17.64 -2.38
N SER B 38 14.19 18.77 -1.79
CA SER B 38 14.55 20.10 -2.31
C SER B 38 16.06 20.26 -2.50
N THR B 39 16.81 19.86 -1.46
CA THR B 39 18.27 19.99 -1.46
C THR B 39 18.89 19.15 -2.59
N ALA B 40 18.51 17.87 -2.69
CA ALA B 40 19.04 17.00 -3.74
C ALA B 40 18.69 17.52 -5.14
N MET B 41 17.44 17.99 -5.29
CA MET B 41 17.03 18.54 -6.59
C MET B 41 17.77 19.84 -6.90
N GLY B 42 18.08 20.62 -5.87
CA GLY B 42 18.90 21.84 -6.03
C GLY B 42 20.30 21.54 -6.54
N MET B 43 20.87 20.40 -6.16
CA MET B 43 22.18 19.99 -6.68
C MET B 43 22.13 19.65 -8.17
N ALA B 44 21.02 19.08 -8.61
CA ALA B 44 20.79 18.86 -10.04
C ALA B 44 20.55 20.18 -10.78
N PHE B 45 19.73 21.03 -10.18
CA PHE B 45 19.46 22.36 -10.71
C PHE B 45 20.73 23.16 -11.00
N ALA B 46 21.73 23.04 -10.12
CA ALA B 46 23.00 23.76 -10.26
C ALA B 46 23.72 23.46 -11.58
N GLY B 47 23.37 22.34 -12.20
CA GLY B 47 24.00 21.86 -13.45
C GLY B 47 23.06 21.84 -14.65
N ALA B 48 21.86 22.36 -14.45
CA ALA B 48 20.84 22.33 -15.48
C ALA B 48 20.85 23.61 -16.30
N ARG B 49 20.45 23.52 -17.56
CA ARG B 49 20.41 24.67 -18.46
C ARG B 49 19.11 24.64 -19.27
N GLY B 50 18.83 25.72 -20.00
CA GLY B 50 17.69 25.73 -20.93
C GLY B 50 16.38 25.43 -20.24
N GLN B 51 15.49 24.73 -20.96
CA GLN B 51 14.18 24.41 -20.40
C GLN B 51 14.20 23.40 -19.29
N THR B 52 15.21 22.53 -19.25
CA THR B 52 15.40 21.64 -18.10
C THR B 52 15.53 22.46 -16.81
N GLN B 53 16.39 23.48 -16.84
CA GLN B 53 16.54 24.38 -15.69
C GLN B 53 15.26 25.16 -15.40
N GLN B 54 14.62 25.65 -16.46
CA GLN B 54 13.41 26.45 -16.32
C GLN B 54 12.31 25.69 -15.59
N GLU B 55 12.09 24.44 -16.00
CA GLU B 55 11.12 23.58 -15.33
C GLU B 55 11.44 23.39 -13.86
N LEU B 56 12.73 23.21 -13.54
CA LEU B 56 13.15 23.05 -12.15
C LEU B 56 12.88 24.31 -11.33
N SER B 57 13.23 25.46 -11.89
CA SER B 57 13.01 26.72 -11.18
C SER B 57 11.51 26.93 -10.89
N GLN B 58 10.66 26.61 -11.85
CA GLN B 58 9.23 26.67 -11.64
C GLN B 58 8.76 25.62 -10.63
N GLY B 59 9.16 24.37 -10.86
CA GLY B 59 8.66 23.24 -10.08
C GLY B 59 9.13 23.21 -8.62
N LEU B 60 10.36 23.65 -8.39
CA LEU B 60 10.94 23.71 -7.05
C LEU B 60 10.53 24.98 -6.26
N GLY B 61 9.85 25.92 -6.94
CA GLY B 61 9.26 27.08 -6.26
C GLY B 61 10.06 28.38 -6.33
N PHE B 62 11.21 28.32 -7.00
CA PHE B 62 12.15 29.46 -7.10
C PHE B 62 11.53 30.65 -7.83
N SER B 63 10.90 30.37 -8.96
CA SER B 63 10.32 31.41 -9.81
C SER B 63 9.29 32.24 -9.05
N ASP B 64 8.51 31.56 -8.23
CA ASP B 64 7.41 32.22 -7.51
C ASP B 64 7.85 33.05 -6.32
N VAL B 65 9.09 32.83 -5.86
CA VAL B 65 9.63 33.66 -4.77
C VAL B 65 10.65 34.68 -5.29
N ASP B 66 10.73 34.81 -6.61
CA ASP B 66 11.63 35.77 -7.24
C ASP B 66 13.07 35.52 -6.84
N LEU B 67 13.48 34.26 -6.98
CA LEU B 67 14.86 33.88 -6.70
C LEU B 67 15.52 33.58 -8.03
N THR B 68 16.49 34.41 -8.41
CA THR B 68 17.24 34.17 -9.65
C THR B 68 18.07 32.90 -9.48
N ASP B 69 18.61 32.41 -10.58
CA ASP B 69 19.41 31.20 -10.53
C ASP B 69 20.63 31.38 -9.61
N ALA B 70 21.25 32.57 -9.66
CA ALA B 70 22.34 32.91 -8.73
C ALA B 70 21.84 33.04 -7.29
N GLY B 71 20.67 33.65 -7.11
CA GLY B 71 20.04 33.74 -5.79
C GLY B 71 19.89 32.38 -5.13
N VAL B 72 19.53 31.37 -5.91
CA VAL B 72 19.33 30.00 -5.41
C VAL B 72 20.62 29.47 -4.84
N LEU B 73 21.70 29.62 -5.60
CA LEU B 73 23.02 29.12 -5.19
C LEU B 73 23.50 29.81 -3.91
N ASP B 74 23.31 31.12 -3.82
CA ASP B 74 23.63 31.87 -2.60
C ASP B 74 22.78 31.43 -1.40
N ALA B 75 21.49 31.23 -1.65
CA ALA B 75 20.58 30.84 -0.58
C ALA B 75 21.00 29.49 -0.02
N TYR B 76 21.32 28.53 -0.90
CA TYR B 76 21.82 27.23 -0.42
C TYR B 76 23.14 27.33 0.37
N THR B 77 24.08 28.15 -0.10
CA THR B 77 25.31 28.41 0.65
C THR B 77 24.97 28.84 2.10
N HIS B 78 23.97 29.71 2.24
CA HIS B 78 23.65 30.26 3.54
C HIS B 78 22.85 29.27 4.40
N HIS B 79 22.00 28.47 3.77
CA HIS B 79 21.37 27.33 4.43
C HIS B 79 22.41 26.33 4.91
N THR B 80 23.31 25.90 4.01
CA THR B 80 24.37 24.95 4.34
C THR B 80 25.22 25.41 5.56
N GLU B 81 25.68 26.66 5.53
CA GLU B 81 26.47 27.26 6.61
C GLU B 81 25.72 27.28 7.95
N ARG B 82 24.46 27.70 7.93
CA ARG B 82 23.67 27.84 9.16
C ARG B 82 23.30 26.49 9.79
N LEU B 83 23.09 25.48 8.94
CA LEU B 83 22.85 24.11 9.39
C LEU B 83 24.04 23.56 10.20
N LYS B 84 25.23 23.97 9.79
CA LYS B 84 26.45 23.53 10.44
C LYS B 84 26.82 24.34 11.67
N SER B 85 26.42 25.60 11.70
CA SER B 85 26.89 26.52 12.74
C SER B 85 25.92 26.79 13.90
N THR B 86 24.63 26.55 13.68
CA THR B 86 23.62 26.84 14.71
C THR B 86 23.54 25.73 15.77
N PRO B 87 23.70 26.09 17.06
CA PRO B 87 23.57 25.10 18.14
C PRO B 87 22.10 24.82 18.50
N SER B 88 21.86 23.66 19.11
CA SER B 88 20.52 23.22 19.48
C SER B 88 20.62 22.04 20.41
N ASN B 89 19.64 21.97 21.32
CA ASN B 89 19.46 20.82 22.21
C ASN B 89 19.09 19.58 21.39
N SER B 90 18.44 19.82 20.25
CA SER B 90 18.10 18.77 19.30
C SER B 90 19.24 18.55 18.31
N THR B 91 19.24 17.39 17.67
CA THR B 91 20.21 17.10 16.62
C THR B 91 19.53 17.27 15.29
N LEU B 92 20.16 18.04 14.40
CA LEU B 92 19.74 18.13 13.00
C LEU B 92 20.99 18.14 12.11
N ASP B 93 21.27 16.98 11.51
CA ASP B 93 22.46 16.77 10.71
C ASP B 93 22.01 16.65 9.27
N VAL B 94 22.59 17.46 8.40
CA VAL B 94 22.31 17.39 6.97
C VAL B 94 23.63 17.22 6.24
N ALA B 95 23.67 16.26 5.32
CA ALA B 95 24.87 16.00 4.54
C ALA B 95 24.52 15.89 3.05
N ASN B 96 25.45 16.35 2.22
CA ASN B 96 25.32 16.23 0.78
C ASN B 96 26.57 15.60 0.19
N ALA B 97 26.39 14.83 -0.88
CA ALA B 97 27.52 14.21 -1.56
C ALA B 97 27.20 13.93 -3.00
N ALA B 98 28.26 13.74 -3.79
CA ALA B 98 28.13 13.25 -5.16
C ALA B 98 29.04 12.04 -5.32
N ALA B 99 28.45 10.93 -5.74
CA ALA B 99 29.20 9.72 -6.08
C ALA B 99 29.36 9.80 -7.57
N ILE B 100 30.61 9.90 -8.01
CA ILE B 100 30.95 10.23 -9.39
CA ILE B 100 30.97 10.25 -9.39
C ILE B 100 31.79 9.14 -10.04
N GLN B 101 31.41 8.76 -11.26
CA GLN B 101 32.22 7.80 -12.04
C GLN B 101 33.65 8.31 -12.10
N ARG B 102 34.61 7.46 -11.75
CA ARG B 102 36.02 7.84 -11.67
C ARG B 102 36.56 8.45 -12.99
N THR B 103 35.92 8.12 -14.11
CA THR B 103 36.37 8.60 -15.42
C THR B 103 35.55 9.77 -15.97
N LEU B 104 34.64 10.31 -15.16
CA LEU B 104 33.80 11.43 -15.58
C LEU B 104 34.46 12.76 -15.23
N ALA B 105 34.58 13.63 -16.22
CA ALA B 105 35.14 14.96 -15.99
C ALA B 105 33.99 15.93 -15.77
N LEU B 106 33.74 16.26 -14.51
CA LEU B 106 32.76 17.27 -14.16
C LEU B 106 33.34 18.62 -14.52
N LEU B 107 32.49 19.57 -14.89
CA LEU B 107 32.98 20.94 -15.09
C LEU B 107 33.42 21.53 -13.76
N ASN B 108 34.51 22.29 -13.79
CA ASN B 108 35.00 23.05 -12.64
CA ASN B 108 34.98 22.98 -12.59
C ASN B 108 33.88 23.83 -11.94
N SER B 109 33.09 24.51 -12.76
CA SER B 109 31.99 25.35 -12.28
C SER B 109 30.99 24.53 -11.49
N TYR B 110 30.74 23.32 -11.95
CA TYR B 110 29.79 22.46 -11.27
C TYR B 110 30.32 21.91 -9.96
N GLU B 111 31.58 21.46 -9.96
CA GLU B 111 32.24 21.03 -8.73
C GLU B 111 32.21 22.13 -7.69
N SER B 112 32.57 23.33 -8.13
CA SER B 112 32.57 24.52 -7.30
C SER B 112 31.18 24.80 -6.69
N ALA B 113 30.14 24.72 -7.53
CA ALA B 113 28.78 24.97 -7.08
C ALA B 113 28.35 23.98 -6.01
N LEU B 114 28.68 22.70 -6.20
CA LEU B 114 28.33 21.68 -5.20
C LEU B 114 29.02 21.90 -3.86
N GLN B 115 30.30 22.28 -3.91
CA GLN B 115 31.07 22.45 -2.68
C GLN B 115 30.64 23.70 -1.93
N SER B 116 30.43 24.79 -2.66
CA SER B 116 30.11 26.07 -2.00
C SER B 116 28.65 26.17 -1.57
N SER B 117 27.74 25.77 -2.46
CA SER B 117 26.30 25.85 -2.19
C SER B 117 25.77 24.71 -1.31
N PHE B 118 26.37 23.53 -1.39
CA PHE B 118 25.85 22.36 -0.69
C PHE B 118 26.85 21.67 0.23
N GLY B 119 28.08 22.18 0.30
CA GLY B 119 29.13 21.52 1.07
C GLY B 119 29.24 20.06 0.72
N ALA B 120 29.07 19.75 -0.56
CA ALA B 120 28.97 18.37 -1.02
C ALA B 120 30.33 17.71 -0.98
N GLU B 121 30.38 16.52 -0.40
CA GLU B 121 31.56 15.65 -0.48
C GLU B 121 31.61 15.10 -1.91
N LEU B 122 32.78 15.10 -2.52
CA LEU B 122 32.91 14.52 -3.85
C LEU B 122 33.63 13.19 -3.73
N HIS B 123 32.97 12.10 -4.13
CA HIS B 123 33.51 10.75 -3.95
C HIS B 123 33.57 10.01 -5.28
N LYS B 124 34.77 9.57 -5.67
CA LYS B 124 34.93 8.82 -6.91
C LYS B 124 34.68 7.33 -6.69
N VAL B 125 33.84 6.76 -7.55
CA VAL B 125 33.51 5.34 -7.48
C VAL B 125 33.54 4.78 -8.90
N ASP B 126 33.40 3.45 -9.02
CA ASP B 126 33.44 2.82 -10.34
C ASP B 126 32.13 2.09 -10.66
N PHE B 127 31.13 2.86 -11.12
CA PHE B 127 29.80 2.32 -11.46
C PHE B 127 29.87 1.28 -12.57
N ALA B 128 30.85 1.47 -13.50
CA ALA B 128 30.97 0.66 -14.72
C ALA B 128 31.73 -0.67 -14.51
N GLY B 129 32.91 -0.58 -13.88
CA GLY B 129 33.79 -1.73 -13.67
C GLY B 129 33.59 -2.48 -12.36
N GLU B 130 33.06 -1.79 -11.36
CA GLU B 130 32.79 -2.37 -10.04
C GLU B 130 31.42 -1.91 -9.49
N PRO B 131 30.30 -2.37 -10.11
CA PRO B 131 28.98 -1.80 -9.73
C PRO B 131 28.54 -2.07 -8.28
N GLN B 132 28.85 -3.25 -7.75
CA GLN B 132 28.47 -3.61 -6.38
C GLN B 132 29.22 -2.76 -5.35
N ALA B 133 30.51 -2.53 -5.61
CA ALA B 133 31.30 -1.65 -4.73
C ALA B 133 30.76 -0.21 -4.71
N ALA B 134 30.33 0.26 -5.87
CA ALA B 134 29.81 1.61 -6.02
C ALA B 134 28.49 1.80 -5.27
N VAL B 135 27.55 0.85 -5.43
CA VAL B 135 26.28 0.94 -4.71
C VAL B 135 26.43 0.69 -3.20
N ASP B 136 27.34 -0.20 -2.83
CA ASP B 136 27.68 -0.42 -1.43
C ASP B 136 28.21 0.87 -0.82
N PHE B 137 29.10 1.55 -1.52
CA PHE B 137 29.61 2.84 -1.04
C PHE B 137 28.47 3.83 -0.81
N VAL B 138 27.60 3.95 -1.80
CA VAL B 138 26.43 4.84 -1.71
C VAL B 138 25.55 4.50 -0.51
N ASN B 139 25.21 3.22 -0.36
CA ASN B 139 24.37 2.80 0.76
C ASN B 139 25.03 2.98 2.11
N ASN B 140 26.35 2.80 2.18
CA ASN B 140 27.07 3.01 3.44
C ASN B 140 27.25 4.47 3.81
N TRP B 141 27.35 5.33 2.80
CA TRP B 141 27.26 6.78 3.01
C TRP B 141 25.90 7.14 3.63
N VAL B 142 24.81 6.69 3.01
CA VAL B 142 23.48 6.88 3.56
C VAL B 142 23.38 6.37 5.00
N LYS B 143 23.84 5.13 5.25
CA LYS B 143 23.83 4.53 6.60
C LYS B 143 24.60 5.42 7.58
N ARG B 144 25.77 5.91 7.16
CA ARG B 144 26.62 6.74 8.02
C ARG B 144 25.89 8.03 8.43
N LYS B 145 25.41 8.76 7.43
CA LYS B 145 24.82 10.08 7.63
C LYS B 145 23.43 10.07 8.26
N THR B 146 22.75 8.91 8.23
CA THR B 146 21.45 8.78 8.89
C THR B 146 21.59 8.10 10.26
N HIS B 147 22.83 7.97 10.75
CA HIS B 147 23.10 7.38 12.07
C HIS B 147 22.51 5.96 12.14
N ASP B 148 22.67 5.23 11.04
CA ASP B 148 22.24 3.83 10.92
C ASP B 148 20.72 3.62 10.84
N LYS B 149 19.97 4.72 10.69
CA LYS B 149 18.50 4.64 10.68
C LYS B 149 18.00 4.15 9.33
N ILE B 150 18.75 4.44 8.27
CA ILE B 150 18.44 3.95 6.94
C ILE B 150 19.71 3.26 6.44
N GLU B 151 19.67 1.93 6.33
CA GLU B 151 20.89 1.18 6.03
CA GLU B 151 20.89 1.19 6.03
C GLU B 151 21.21 1.15 4.53
N LYS B 152 20.17 1.26 3.71
CA LYS B 152 20.29 1.20 2.24
C LYS B 152 19.25 2.09 1.58
N LEU B 153 19.68 2.86 0.58
CA LEU B 153 18.77 3.62 -0.25
C LEU B 153 18.43 2.79 -1.49
N PHE B 154 19.45 2.11 -2.00
CA PHE B 154 19.27 1.33 -3.21
C PHE B 154 19.40 -0.14 -2.81
N ASN B 155 18.31 -0.88 -2.99
CA ASN B 155 18.25 -2.28 -2.59
C ASN B 155 18.67 -3.24 -3.70
N GLU B 156 18.82 -2.67 -4.90
CA GLU B 156 19.43 -3.33 -6.04
C GLU B 156 20.58 -2.45 -6.49
N PRO B 157 21.60 -3.06 -7.16
CA PRO B 157 22.65 -2.26 -7.83
C PRO B 157 22.01 -1.28 -8.87
N LEU B 158 22.64 -0.14 -9.13
CA LEU B 158 22.14 0.88 -10.03
C LEU B 158 22.29 0.44 -11.48
N ASP B 159 21.62 1.18 -12.33
CA ASP B 159 21.88 1.20 -13.76
C ASP B 159 23.40 1.16 -13.98
N PRO B 160 23.90 0.34 -14.90
CA PRO B 160 25.35 0.23 -15.10
C PRO B 160 25.94 1.40 -15.90
N ASP B 161 25.09 2.15 -16.61
CA ASP B 161 25.57 3.32 -17.36
C ASP B 161 25.64 4.55 -16.43
N THR B 162 25.25 4.37 -15.17
CA THR B 162 25.25 5.45 -14.20
C THR B 162 26.59 6.19 -14.20
N LEU B 163 26.53 7.52 -14.26
CA LEU B 163 27.73 8.35 -14.16
C LEU B 163 27.81 9.14 -12.86
N LEU B 164 26.67 9.43 -12.26
CA LEU B 164 26.63 10.32 -11.12
C LEU B 164 25.40 10.03 -10.22
N VAL B 165 25.63 9.97 -8.91
CA VAL B 165 24.52 9.97 -7.96
C VAL B 165 24.66 11.14 -7.00
N LEU B 166 23.68 12.04 -7.03
CA LEU B 166 23.63 13.17 -6.10
C LEU B 166 22.85 12.71 -4.88
N LEU B 167 23.43 12.92 -3.70
CA LEU B 167 22.88 12.36 -2.46
C LEU B 167 22.67 13.42 -1.42
N ASN B 168 21.53 13.38 -0.73
CA ASN B 168 21.32 14.16 0.48
C ASN B 168 20.86 13.23 1.57
N ALA B 169 21.31 13.49 2.79
CA ALA B 169 20.76 12.77 3.95
C ALA B 169 20.49 13.75 5.07
N ILE B 170 19.52 13.41 5.91
CA ILE B 170 19.15 14.26 7.04
C ILE B 170 18.81 13.35 8.22
N TYR B 171 19.23 13.77 9.41
CA TYR B 171 18.94 13.04 10.64
C TYR B 171 18.49 14.01 11.70
N PHE B 172 17.41 13.63 12.40
CA PHE B 172 16.86 14.48 13.45
C PHE B 172 16.62 13.66 14.70
N LYS B 173 17.03 14.21 15.83
CA LYS B 173 16.64 13.64 17.11
C LYS B 173 16.31 14.78 18.05
N GLY B 174 15.09 14.73 18.61
CA GLY B 174 14.65 15.68 19.63
C GLY B 174 14.03 14.95 20.81
N GLU B 175 14.16 15.52 22.01
CA GLU B 175 13.46 15.02 23.16
C GLU B 175 12.31 16.00 23.41
N TRP B 176 11.13 15.49 23.73
CA TRP B 176 9.98 16.38 24.02
C TRP B 176 10.30 17.36 25.16
N ASN B 177 9.84 18.61 25.02
CA ASN B 177 9.93 19.56 26.14
C ASN B 177 9.18 18.99 27.33
N THR B 178 8.00 18.42 27.06
CA THR B 178 7.25 17.75 28.10
C THR B 178 6.99 16.32 27.66
N ALA B 179 7.60 15.36 28.38
CA ALA B 179 7.50 13.94 28.00
C ALA B 179 6.11 13.36 28.27
N PHE B 180 5.71 12.37 27.48
CA PHE B 180 4.48 11.64 27.74
C PHE B 180 4.69 10.71 28.93
N VAL B 181 3.61 10.44 29.66
CA VAL B 181 3.72 9.66 30.92
C VAL B 181 3.72 8.17 30.60
N LYS B 182 4.90 7.55 30.71
CA LYS B 182 5.06 6.11 30.41
C LYS B 182 3.96 5.21 30.99
N GLU B 183 3.62 5.41 32.26
N GLU B 183 3.63 5.40 32.27
CA GLU B 183 2.63 4.57 32.92
CA GLU B 183 2.61 4.57 32.94
C GLU B 183 1.24 4.68 32.28
C GLU B 183 1.19 4.74 32.37
N HIS B 184 1.01 5.75 31.53
CA HIS B 184 -0.29 5.98 30.89
C HIS B 184 -0.43 5.38 29.49
N THR B 185 0.69 4.94 28.91
CA THR B 185 0.64 4.32 27.58
C THR B 185 -0.12 3.02 27.69
N GLU B 186 -1.15 2.87 26.86
CA GLU B 186 -2.01 1.70 26.87
CA GLU B 186 -1.96 1.66 26.84
C GLU B 186 -2.67 1.52 25.50
N LYS B 187 -3.13 0.30 25.20
CA LYS B 187 -3.88 0.11 23.95
CA LYS B 187 -3.88 0.10 23.95
C LYS B 187 -5.14 0.96 23.95
N ARG B 188 -5.29 1.77 22.89
CA ARG B 188 -6.50 2.54 22.64
CA ARG B 188 -6.50 2.54 22.64
C ARG B 188 -6.84 2.43 21.16
N GLN B 189 -8.10 2.68 20.81
CA GLN B 189 -8.53 2.53 19.42
C GLN B 189 -7.94 3.64 18.56
N PHE B 190 -7.49 3.27 17.37
CA PHE B 190 -7.19 4.22 16.31
C PHE B 190 -7.99 3.74 15.10
N PHE B 191 -8.63 4.67 14.42
CA PHE B 191 -9.45 4.30 13.26
C PHE B 191 -8.71 4.51 11.95
N ASN B 192 -8.26 3.39 11.38
CA ASN B 192 -7.51 3.39 10.16
C ASN B 192 -8.38 3.84 8.98
N GLY B 193 -7.84 4.73 8.16
CA GLY B 193 -8.65 5.40 7.11
C GLY B 193 -9.84 6.14 7.70
N GLY B 194 -9.82 6.39 9.01
CA GLY B 194 -10.94 7.03 9.70
C GLY B 194 -12.06 6.08 10.10
N VAL B 195 -11.99 4.82 9.65
CA VAL B 195 -13.14 3.93 9.76
C VAL B 195 -12.90 2.56 10.38
N THR B 196 -11.66 2.07 10.35
CA THR B 196 -11.38 0.69 10.81
C THR B 196 -10.64 0.65 12.15
N PRO B 197 -11.34 0.24 13.23
CA PRO B 197 -10.70 0.33 14.54
C PRO B 197 -9.60 -0.70 14.72
N VAL B 198 -8.44 -0.23 15.14
CA VAL B 198 -7.37 -1.13 15.59
C VAL B 198 -6.92 -0.69 16.98
N GLU B 199 -6.34 -1.61 17.74
CA GLU B 199 -5.86 -1.30 19.09
C GLU B 199 -4.38 -1.03 19.00
N VAL B 200 -3.99 0.20 19.31
CA VAL B 200 -2.58 0.57 19.21
C VAL B 200 -2.13 1.27 20.49
N ASP B 201 -0.87 1.05 20.90
CA ASP B 201 -0.31 1.74 22.06
C ASP B 201 -0.46 3.23 21.82
N THR B 202 -1.10 3.88 22.77
CA THR B 202 -1.45 5.30 22.68
C THR B 202 -0.94 6.00 23.93
N MET B 203 -0.19 7.09 23.72
CA MET B 203 0.40 7.85 24.81
C MET B 203 -0.54 8.96 25.27
N ARG B 204 -0.31 9.46 26.48
CA ARG B 204 -1.13 10.47 27.10
C ARG B 204 -0.24 11.49 27.83
N LEU B 205 -0.54 12.76 27.61
CA LEU B 205 0.07 13.83 28.39
C LEU B 205 -1.02 14.87 28.62
N GLU B 206 -1.13 15.36 29.83
CA GLU B 206 -2.00 16.49 30.10
C GLU B 206 -1.09 17.60 30.58
N ALA B 207 -1.06 18.71 29.85
CA ALA B 207 -0.10 19.79 30.13
C ALA B 207 -0.55 21.05 29.40
N ARG B 208 0.16 22.15 29.67
CA ARG B 208 -0.03 23.40 28.95
C ARG B 208 0.64 23.36 27.58
N ILE B 209 -0.17 23.38 26.54
CA ILE B 209 0.29 23.13 25.17
C ILE B 209 -0.36 24.17 24.25
N LYS B 210 0.40 24.66 23.26
CA LYS B 210 -0.15 25.58 22.25
C LYS B 210 -1.21 24.86 21.44
N TYR B 211 -2.42 25.41 21.45
CA TYR B 211 -3.60 24.73 20.94
C TYR B 211 -4.56 25.76 20.33
N ARG B 212 -5.29 25.33 19.29
CA ARG B 212 -6.46 26.05 18.84
CA ARG B 212 -6.45 26.07 18.80
C ARG B 212 -7.29 25.19 17.89
N PHE B 213 -8.61 25.39 17.95
CA PHE B 213 -9.49 24.82 16.93
C PHE B 213 -9.78 25.93 15.92
N PHE B 214 -9.73 25.56 14.64
CA PHE B 214 -10.02 26.50 13.59
C PHE B 214 -11.25 26.01 12.81
N ASP B 215 -12.34 26.77 12.87
CA ASP B 215 -13.54 26.27 12.21
C ASP B 215 -13.51 26.41 10.69
N ASP B 216 -12.59 27.22 10.15
CA ASP B 216 -12.58 27.41 8.71
C ASP B 216 -12.27 26.09 8.00
N LEU B 217 -11.23 25.42 8.47
CA LEU B 217 -10.85 24.12 7.90
C LEU B 217 -11.25 22.95 8.79
N GLN B 218 -11.95 23.24 9.89
CA GLN B 218 -12.46 22.23 10.84
C GLN B 218 -11.32 21.34 11.37
N VAL B 219 -10.33 22.00 11.98
CA VAL B 219 -9.10 21.33 12.31
C VAL B 219 -8.61 21.79 13.69
N GLU B 220 -8.22 20.83 14.54
CA GLU B 220 -7.51 21.18 15.80
C GLU B 220 -6.03 21.10 15.54
N VAL B 221 -5.30 22.07 16.06
CA VAL B 221 -3.88 22.16 15.84
C VAL B 221 -3.17 22.30 17.18
N VAL B 222 -2.11 21.55 17.36
CA VAL B 222 -1.18 21.75 18.48
C VAL B 222 0.25 21.80 17.98
N GLU B 223 1.12 22.44 18.74
CA GLU B 223 2.55 22.26 18.59
C GLU B 223 3.12 21.62 19.85
N LEU B 224 3.87 20.54 19.66
CA LEU B 224 4.58 19.89 20.76
C LEU B 224 6.07 20.18 20.58
N PRO B 225 6.62 21.12 21.37
CA PRO B 225 8.03 21.50 21.17
C PRO B 225 9.03 20.45 21.70
N TYR B 226 10.19 20.39 21.05
CA TYR B 226 11.34 19.67 21.62
C TYR B 226 12.13 20.59 22.57
N ARG B 227 13.08 20.03 23.30
CA ARG B 227 13.79 20.83 24.32
C ARG B 227 14.47 22.01 23.64
N GLY B 228 14.33 23.20 24.23
CA GLY B 228 14.90 24.44 23.69
C GLY B 228 13.98 25.21 22.76
N LEU B 229 12.91 24.53 22.31
CA LEU B 229 11.76 25.17 21.63
C LEU B 229 12.04 25.63 20.20
N ASP B 230 13.24 25.36 19.71
CA ASP B 230 13.66 25.75 18.36
C ASP B 230 13.22 24.70 17.33
N TYR B 231 12.86 23.50 17.80
CA TYR B 231 12.19 22.51 16.93
C TYR B 231 10.88 22.10 17.54
N THR B 232 9.88 21.80 16.70
CA THR B 232 8.56 21.42 17.18
CA THR B 232 8.58 21.39 17.20
C THR B 232 7.93 20.38 16.26
N MET B 233 6.97 19.63 16.81
CA MET B 233 6.08 18.85 15.96
C MET B 233 4.70 19.55 15.97
N ALA B 234 4.30 20.06 14.82
CA ALA B 234 2.95 20.61 14.64
C ALA B 234 2.08 19.44 14.22
N ILE B 235 0.96 19.25 14.93
CA ILE B 235 -0.02 18.17 14.63
C ILE B 235 -1.36 18.80 14.24
N LEU B 236 -1.87 18.41 13.06
CA LEU B 236 -3.14 18.90 12.54
C LEU B 236 -4.13 17.75 12.51
N LEU B 237 -5.16 17.85 13.34
CA LEU B 237 -6.16 16.77 13.49
C LEU B 237 -7.51 17.19 12.95
N PRO B 238 -7.92 16.57 11.82
CA PRO B 238 -9.22 16.92 11.28
C PRO B 238 -10.33 16.64 12.31
N LYS B 239 -11.32 17.52 12.40
CA LYS B 239 -12.49 17.24 13.24
C LYS B 239 -13.19 15.93 12.86
N GLU B 240 -13.37 15.72 11.55
CA GLU B 240 -14.10 14.56 11.05
C GLU B 240 -13.18 13.35 10.92
N ASN B 241 -13.71 12.18 11.21
CA ASN B 241 -12.92 10.95 11.09
C ASN B 241 -12.17 10.82 9.76
N THR B 242 -12.82 11.14 8.65
CA THR B 242 -12.18 10.99 7.33
C THR B 242 -11.76 12.35 6.73
N GLY B 243 -11.50 13.32 7.60
CA GLY B 243 -11.23 14.69 7.17
C GLY B 243 -9.85 14.97 6.59
N VAL B 244 -8.91 14.03 6.72
CA VAL B 244 -7.51 14.33 6.42
C VAL B 244 -7.24 14.69 4.96
N GLU B 245 -7.90 14.00 4.02
CA GLU B 245 -7.65 14.31 2.61
C GLU B 245 -8.14 15.72 2.24
N GLY B 246 -9.34 16.07 2.73
CA GLY B 246 -9.87 17.42 2.56
C GLY B 246 -8.98 18.49 3.18
N LEU B 247 -8.38 18.19 4.33
CA LEU B 247 -7.49 19.12 5.03
C LEU B 247 -6.23 19.37 4.20
N LYS B 248 -5.62 18.29 3.71
CA LYS B 248 -4.44 18.39 2.88
C LYS B 248 -4.74 19.27 1.64
N GLN B 249 -5.92 19.08 1.03
CA GLN B 249 -6.29 19.90 -0.15
C GLN B 249 -6.52 21.38 0.18
N ASN B 250 -7.08 21.66 1.35
CA ASN B 250 -7.37 23.03 1.79
C ASN B 250 -6.17 23.78 2.36
N LEU B 251 -5.16 23.06 2.83
CA LEU B 251 -4.07 23.72 3.53
C LEU B 251 -3.20 24.51 2.54
N THR B 252 -2.66 25.64 2.97
CA THR B 252 -1.62 26.33 2.20
C THR B 252 -0.55 26.66 3.20
N ILE B 253 0.64 26.99 2.72
CA ILE B 253 1.71 27.33 3.67
C ILE B 253 1.34 28.58 4.47
N ASP B 254 0.70 29.55 3.82
CA ASP B 254 0.31 30.78 4.51
C ASP B 254 -0.70 30.47 5.62
N ARG B 255 -1.69 29.63 5.32
CA ARG B 255 -2.69 29.22 6.31
C ARG B 255 -2.04 28.48 7.46
N PHE B 256 -1.14 27.57 7.12
CA PHE B 256 -0.37 26.79 8.11
C PHE B 256 0.40 27.70 9.06
N GLN B 257 1.18 28.64 8.52
CA GLN B 257 1.94 29.57 9.36
C GLN B 257 1.04 30.42 10.26
N ASN B 258 -0.08 30.87 9.71
CA ASN B 258 -1.02 31.71 10.45
C ASN B 258 -1.70 30.92 11.57
N TYR B 259 -1.99 29.64 11.31
CA TYR B 259 -2.48 28.77 12.38
C TYR B 259 -1.47 28.72 13.51
N LEU B 260 -0.20 28.52 13.17
CA LEU B 260 0.82 28.35 14.21
C LEU B 260 0.94 29.63 15.02
N SER B 261 0.86 30.78 14.34
CA SER B 261 0.87 32.08 15.00
C SER B 261 -0.33 32.31 15.93
N ASP B 262 -1.46 31.66 15.63
CA ASP B 262 -2.70 31.90 16.35
C ASP B 262 -2.90 30.93 17.52
N LEU B 263 -2.00 29.95 17.67
CA LEU B 263 -2.12 28.99 18.77
C LEU B 263 -1.92 29.68 20.10
N ARG B 264 -2.64 29.23 21.12
CA ARG B 264 -2.51 29.79 22.46
C ARG B 264 -2.34 28.67 23.47
N GLU B 265 -1.41 28.85 24.39
CA GLU B 265 -1.15 27.88 25.41
C GLU B 265 -2.41 27.64 26.22
N ARG B 266 -2.76 26.36 26.38
CA ARG B 266 -3.98 25.93 27.03
C ARG B 266 -3.65 24.63 27.77
N LYS B 267 -4.25 24.39 28.94
CA LYS B 267 -4.19 23.04 29.51
C LYS B 267 -5.06 22.09 28.67
N ILE B 268 -4.42 21.07 28.12
CA ILE B 268 -5.13 20.07 27.30
C ILE B 268 -4.67 18.65 27.62
N THR B 269 -5.50 17.66 27.31
CA THR B 269 -5.08 16.26 27.33
C THR B 269 -4.78 15.81 25.90
N VAL B 270 -3.55 15.36 25.66
CA VAL B 270 -3.15 14.81 24.36
C VAL B 270 -3.13 13.28 24.37
N LEU B 271 -3.93 12.65 23.50
CA LEU B 271 -3.83 11.19 23.33
C LEU B 271 -3.27 10.94 21.95
N LEU B 272 -1.98 10.53 21.91
CA LEU B 272 -1.22 10.43 20.66
C LEU B 272 -0.59 9.04 20.53
N PRO B 273 -0.90 8.31 19.45
CA PRO B 273 -0.30 7.00 19.23
C PRO B 273 1.22 7.02 19.26
N LYS B 274 1.79 5.98 19.86
CA LYS B 274 3.20 5.72 19.79
C LYS B 274 3.37 4.98 18.46
N PHE B 275 4.17 5.52 17.54
CA PHE B 275 4.26 4.96 16.19
C PHE B 275 5.62 5.05 15.52
N LYS B 276 5.87 4.12 14.58
CA LYS B 276 7.03 4.15 13.71
C LYS B 276 6.53 4.14 12.26
N LEU B 277 7.16 4.93 11.40
CA LEU B 277 6.86 4.90 9.98
C LEU B 277 8.13 4.60 9.20
N GLU B 278 7.98 3.84 8.12
CA GLU B 278 9.07 3.51 7.23
CA GLU B 278 9.08 3.56 7.21
C GLU B 278 8.52 3.60 5.80
N THR B 279 9.04 4.56 5.01
CA THR B 279 8.50 4.82 3.68
C THR B 279 9.63 4.91 2.65
N LYS B 280 9.25 4.70 1.40
CA LYS B 280 10.17 4.79 0.27
C LYS B 280 9.37 5.18 -0.95
N TYR B 281 9.98 6.01 -1.81
CA TYR B 281 9.31 6.51 -2.99
C TYR B 281 10.28 6.54 -4.14
N SER B 282 9.77 6.19 -5.31
CA SER B 282 10.41 6.56 -6.57
C SER B 282 9.71 7.86 -6.95
N LEU B 283 10.44 8.96 -6.92
CA LEU B 283 9.83 10.27 -7.01
C LEU B 283 9.64 10.80 -8.44
N LYS B 284 10.07 10.03 -9.43
CA LYS B 284 9.93 10.52 -10.81
C LYS B 284 8.49 10.99 -11.11
N ALA B 285 7.51 10.12 -10.92
CA ALA B 285 6.12 10.46 -11.27
C ALA B 285 5.54 11.66 -10.47
N PRO B 286 5.67 11.67 -9.12
CA PRO B 286 5.29 12.89 -8.38
C PRO B 286 5.99 14.16 -8.87
N LEU B 287 7.28 14.10 -9.18
CA LEU B 287 7.99 15.30 -9.63
C LEU B 287 7.46 15.73 -11.01
N GLN B 288 7.16 14.74 -11.86
CA GLN B 288 6.55 15.03 -13.16
C GLN B 288 5.22 15.76 -12.97
N SER B 289 4.43 15.33 -11.98
CA SER B 289 3.15 15.96 -11.69
CA SER B 289 3.14 15.96 -11.69
C SER B 289 3.31 17.43 -11.27
N LEU B 290 4.49 17.75 -10.72
CA LEU B 290 4.81 19.14 -10.35
C LEU B 290 5.45 19.95 -11.49
N GLY B 291 5.50 19.36 -12.68
CA GLY B 291 6.02 20.08 -13.84
C GLY B 291 7.49 19.86 -14.12
N ILE B 292 8.12 18.96 -13.37
CA ILE B 292 9.52 18.65 -13.61
C ILE B 292 9.59 17.40 -14.51
N LYS B 293 9.86 17.61 -15.79
CA LYS B 293 9.71 16.54 -16.80
C LYS B 293 10.93 16.29 -17.70
N GLN B 294 11.42 17.36 -18.33
CA GLN B 294 12.49 17.24 -19.30
C GLN B 294 13.74 16.56 -18.74
N ILE B 295 14.00 16.79 -17.45
CA ILE B 295 15.21 16.29 -16.80
C ILE B 295 15.32 14.76 -16.88
N PHE B 296 14.18 14.09 -16.97
CA PHE B 296 14.13 12.63 -16.87
C PHE B 296 14.34 11.91 -18.20
N GLU B 297 14.31 12.68 -19.30
CA GLU B 297 14.24 12.08 -20.62
C GLU B 297 15.41 12.42 -21.52
N SER B 298 15.56 11.62 -22.56
CA SER B 298 16.47 11.97 -23.62
C SER B 298 16.18 13.42 -24.02
N GLY B 299 17.23 14.18 -24.26
CA GLY B 299 17.08 15.62 -24.51
C GLY B 299 17.27 16.52 -23.30
N ALA B 300 17.33 15.93 -22.10
CA ALA B 300 17.53 16.71 -20.89
C ALA B 300 18.78 17.57 -21.02
N ASP B 301 18.71 18.79 -20.51
CA ASP B 301 19.88 19.65 -20.52
C ASP B 301 20.51 19.75 -19.12
N LEU B 302 21.39 18.80 -18.83
CA LEU B 302 22.25 18.86 -17.67
C LEU B 302 23.70 19.08 -18.09
N SER B 303 23.88 19.81 -19.18
CA SER B 303 25.21 20.10 -19.74
C SER B 303 26.04 21.03 -18.86
N GLY B 304 25.43 21.61 -17.83
CA GLY B 304 26.16 22.32 -16.79
C GLY B 304 26.97 21.35 -15.92
N ILE B 305 26.68 20.06 -16.04
CA ILE B 305 27.39 19.07 -15.24
C ILE B 305 28.70 18.64 -15.90
N ASN B 306 28.65 18.29 -17.18
CA ASN B 306 29.80 17.70 -17.89
C ASN B 306 29.96 18.23 -19.32
N ASP B 307 29.18 19.26 -19.67
CA ASP B 307 29.09 19.77 -21.04
C ASP B 307 28.56 18.78 -22.07
N GLY B 308 27.82 17.76 -21.60
CA GLY B 308 27.32 16.73 -22.48
C GLY B 308 25.87 16.36 -22.27
N SER B 309 25.55 15.12 -22.62
CA SER B 309 24.19 14.62 -22.58
C SER B 309 24.01 13.73 -21.36
N LEU B 310 23.24 14.24 -20.39
CA LEU B 310 22.94 13.51 -19.19
C LEU B 310 21.48 13.73 -18.85
N ARG B 311 20.85 12.72 -18.23
CA ARG B 311 19.48 12.87 -17.74
C ARG B 311 19.36 12.17 -16.40
N VAL B 312 18.27 12.44 -15.69
CA VAL B 312 17.99 11.75 -14.42
C VAL B 312 17.18 10.47 -14.69
N SER B 313 17.76 9.32 -14.37
CA SER B 313 17.02 8.07 -14.53
C SER B 313 16.03 7.84 -13.39
N ALA B 314 16.38 8.27 -12.17
CA ALA B 314 15.54 8.02 -11.00
C ALA B 314 15.85 9.02 -9.89
N VAL B 315 14.84 9.33 -9.09
CA VAL B 315 15.01 10.10 -7.84
C VAL B 315 14.39 9.21 -6.78
N GLU B 316 15.22 8.69 -5.88
CA GLU B 316 14.75 7.76 -4.86
C GLU B 316 14.82 8.45 -3.50
N HIS B 317 13.80 8.21 -2.68
CA HIS B 317 13.67 8.83 -1.36
C HIS B 317 13.27 7.74 -0.37
N LYS B 318 13.89 7.75 0.80
CA LYS B 318 13.52 6.84 1.88
C LYS B 318 13.46 7.69 3.12
N ALA B 319 12.47 7.40 3.98
CA ALA B 319 12.34 8.12 5.25
C ALA B 319 11.83 7.21 6.36
N VAL B 320 12.20 7.56 7.58
CA VAL B 320 11.82 6.79 8.77
C VAL B 320 11.59 7.78 9.90
N VAL B 321 10.67 7.41 10.80
CA VAL B 321 10.42 8.19 11.99
C VAL B 321 9.92 7.29 13.10
N GLU B 322 10.34 7.63 14.31
CA GLU B 322 9.88 6.93 15.51
CA GLU B 322 9.88 6.92 15.51
C GLU B 322 9.42 7.95 16.52
N VAL B 323 8.18 7.82 16.95
CA VAL B 323 7.60 8.73 17.93
C VAL B 323 7.29 7.92 19.17
N ASN B 324 7.80 8.37 20.31
CA ASN B 324 7.55 7.68 21.57
C ASN B 324 7.43 8.67 22.73
N GLU B 325 7.36 8.15 23.96
CA GLU B 325 7.12 9.03 25.12
C GLU B 325 8.23 10.06 25.34
N GLU B 326 9.46 9.75 24.91
CA GLU B 326 10.65 10.58 25.20
C GLU B 326 10.91 11.66 24.15
N GLY B 327 10.46 11.40 22.91
CA GLY B 327 10.72 12.34 21.83
C GLY B 327 10.50 11.75 20.46
N THR B 328 11.36 12.13 19.53
CA THR B 328 11.26 11.74 18.11
C THR B 328 12.63 11.61 17.48
N VAL B 329 12.78 10.59 16.64
CA VAL B 329 13.96 10.40 15.79
C VAL B 329 13.43 10.24 14.38
N ALA B 330 14.00 11.01 13.46
CA ALA B 330 13.60 10.95 12.05
C ALA B 330 14.82 11.01 11.16
N ALA B 331 14.77 10.30 10.04
CA ALA B 331 15.85 10.34 9.07
C ALA B 331 15.25 10.21 7.69
N ALA B 332 15.96 10.80 6.71
CA ALA B 332 15.58 10.68 5.31
C ALA B 332 16.80 10.85 4.42
N THR B 333 16.66 10.38 3.18
CA THR B 333 17.73 10.51 2.19
C THR B 333 17.09 10.57 0.82
N THR B 334 17.73 11.32 -0.08
CA THR B 334 17.30 11.42 -1.47
C THR B 334 18.51 11.15 -2.35
N GLY B 335 18.34 10.33 -3.38
CA GLY B 335 19.40 10.08 -4.36
C GLY B 335 18.89 10.38 -5.74
N VAL B 336 19.64 11.22 -6.45
CA VAL B 336 19.35 11.57 -7.83
C VAL B 336 20.34 10.82 -8.70
N VAL B 337 19.85 9.84 -9.46
CA VAL B 337 20.68 8.99 -10.31
C VAL B 337 20.73 9.54 -11.74
N ILE B 338 21.95 9.77 -12.23
CA ILE B 338 22.20 10.48 -13.49
C ILE B 338 22.95 9.59 -14.47
N VAL B 339 22.39 9.47 -15.67
CA VAL B 339 22.92 8.60 -16.72
C VAL B 339 23.15 9.40 -18.00
N PRO B 340 24.09 8.95 -18.87
CA PRO B 340 24.22 9.57 -20.18
C PRO B 340 23.06 9.15 -21.07
N TYR B 341 22.83 9.93 -22.13
CA TYR B 341 21.98 9.52 -23.24
C TYR B 341 22.62 9.81 -24.58
N PRO B 347 -12.57 21.11 29.52
CA PRO B 347 -11.69 19.94 29.48
C PRO B 347 -11.41 19.51 28.03
N VAL B 348 -10.37 20.07 27.43
CA VAL B 348 -10.09 19.81 26.03
C VAL B 348 -9.21 18.58 25.86
N VAL B 349 -9.76 17.60 25.14
CA VAL B 349 -9.03 16.37 24.85
C VAL B 349 -8.69 16.37 23.36
N PHE B 350 -7.39 16.43 23.09
CA PHE B 350 -6.86 16.40 21.74
C PHE B 350 -6.59 14.91 21.44
N ARG B 351 -7.60 14.24 20.89
CA ARG B 351 -7.62 12.78 20.76
C ARG B 351 -7.22 12.33 19.37
N VAL B 352 -5.97 11.94 19.22
CA VAL B 352 -5.46 11.62 17.88
C VAL B 352 -5.77 10.14 17.57
N ASP B 353 -7.04 9.86 17.20
CA ASP B 353 -7.49 8.47 16.98
C ASP B 353 -8.00 8.24 15.57
N HIS B 354 -7.67 9.17 14.67
CA HIS B 354 -8.03 9.02 13.27
C HIS B 354 -6.97 9.73 12.40
N PRO B 355 -6.96 9.50 11.08
CA PRO B 355 -5.87 10.08 10.26
C PRO B 355 -5.57 11.58 10.46
N PHE B 356 -4.27 11.89 10.54
CA PHE B 356 -3.84 13.26 10.83
C PHE B 356 -2.56 13.61 10.07
N LEU B 357 -2.19 14.88 10.12
CA LEU B 357 -0.96 15.34 9.51
C LEU B 357 -0.01 15.80 10.63
N PHE B 358 1.29 15.64 10.41
CA PHE B 358 2.28 16.27 11.29
C PHE B 358 3.48 16.84 10.53
N PHE B 359 4.11 17.82 11.15
CA PHE B 359 5.22 18.56 10.54
C PHE B 359 6.28 18.75 11.60
N ILE B 360 7.51 18.38 11.29
CA ILE B 360 8.65 18.68 12.15
C ILE B 360 9.37 19.86 11.54
N ARG B 361 9.50 20.93 12.32
CA ARG B 361 9.95 22.20 11.78
C ARG B 361 10.83 22.95 12.75
N ASN B 362 11.56 23.92 12.21
CA ASN B 362 12.35 24.84 13.01
C ASN B 362 11.53 26.11 13.23
N THR B 363 11.34 26.48 14.49
CA THR B 363 10.46 27.59 14.83
C THR B 363 11.09 28.95 14.56
N ARG B 364 12.40 28.96 14.38
CA ARG B 364 13.13 30.20 14.16
C ARG B 364 13.22 30.54 12.66
N THR B 365 13.46 29.53 11.84
CA THR B 365 13.64 29.74 10.39
C THR B 365 12.40 29.40 9.57
N ASP B 366 11.46 28.67 10.18
CA ASP B 366 10.28 28.11 9.49
C ASP B 366 10.60 26.91 8.59
N ASP B 367 11.85 26.44 8.54
CA ASP B 367 12.19 25.27 7.69
C ASP B 367 11.37 24.07 8.11
N ILE B 368 10.77 23.41 7.13
CA ILE B 368 10.01 22.19 7.41
C ILE B 368 10.84 21.02 6.96
N PHE B 369 11.30 20.21 7.91
CA PHE B 369 12.21 19.12 7.61
C PHE B 369 11.52 17.78 7.31
N PHE B 370 10.41 17.52 7.98
CA PHE B 370 9.69 16.26 7.82
C PHE B 370 8.19 16.49 7.81
N VAL B 371 7.48 15.72 7.01
CA VAL B 371 6.03 15.83 6.89
C VAL B 371 5.45 14.41 6.86
N GLY B 372 4.41 14.20 7.66
CA GLY B 372 3.76 12.89 7.75
C GLY B 372 2.24 12.99 7.60
N GLN B 373 1.66 12.00 6.96
CA GLN B 373 0.22 11.75 7.06
C GLN B 373 0.03 10.31 7.57
N VAL B 374 -0.58 10.20 8.74
CA VAL B 374 -0.75 8.88 9.38
C VAL B 374 -2.17 8.42 9.11
N ASN B 375 -2.30 7.39 8.26
CA ASN B 375 -3.59 6.81 7.85
C ASN B 375 -3.86 5.47 8.49
N LYS B 376 -2.79 4.74 8.76
CA LYS B 376 -2.90 3.32 9.07
C LYS B 376 -1.91 2.93 10.16
N LEU B 377 -2.42 2.56 11.34
CA LEU B 377 -1.54 2.04 12.38
C LEU B 377 -1.86 0.60 12.75
#